data_5QJD
#
_entry.id   5QJD
#
_cell.length_a   48.728
_cell.length_b   59.593
_cell.length_c   80.188
_cell.angle_alpha   79.650
_cell.angle_beta   82.000
_cell.angle_gamma   76.230
#
_symmetry.space_group_name_H-M   'P 1'
#
loop_
_entity.id
_entity.type
_entity.pdbx_description
1 polymer 'ADP-sugar pyrophosphatase'
2 non-polymer 'MAGNESIUM ION'
3 non-polymer 'CHLORIDE ION'
4 non-polymer 3-methyl-N-(1-methyl-1H-pyrazol-3-yl)-1,2-oxazole-5-carboxamide
5 non-polymer 1,2-ETHANEDIOL
6 water water
#
_entity_poly.entity_id   1
_entity_poly.type   'polypeptide(L)'
_entity_poly.pdbx_seq_one_letter_code
;SMESQEPTESSQNGKQYIISEELISEGKWVKLEKTTYMDPTGKTRTWESVKRTTRKEQTADGVAVIPVLQRTLHYECIVL
VKQFRPPMGGYCIEFPAGLIDDGETPEAAALRELEEETGYKGDIAECSPAVCMDPGLSNCTIHIVTVTINGDDAENARPK
PKPGDGEFVEVISLPKNDLLQRLDALVAEEHLTVDARVYSYALALKHAN
;
_entity_poly.pdbx_strand_id   A,B,C,D
#
loop_
_chem_comp.id
_chem_comp.type
_chem_comp.name
_chem_comp.formula
CL non-polymer 'CHLORIDE ION' 'Cl -1'
EDO non-polymer 1,2-ETHANEDIOL 'C2 H6 O2'
K0M non-polymer 3-methyl-N-(1-methyl-1H-pyrazol-3-yl)-1,2-oxazole-5-carboxamide 'C9 H10 N4 O2'
MG non-polymer 'MAGNESIUM ION' 'Mg 2'
#
# COMPACT_ATOMS: atom_id res chain seq x y z
N LYS A 15 26.74 -9.37 -37.49
CA LYS A 15 26.40 -10.55 -38.33
C LYS A 15 25.10 -10.33 -39.12
N GLN A 16 23.97 -10.05 -38.45
CA GLN A 16 22.65 -10.00 -39.14
C GLN A 16 22.19 -8.63 -39.54
N TYR A 17 21.40 -8.58 -40.60
CA TYR A 17 21.03 -7.30 -41.18
C TYR A 17 19.89 -7.46 -42.14
N ILE A 18 19.24 -6.34 -42.40
CA ILE A 18 18.13 -6.27 -43.30
C ILE A 18 18.62 -6.23 -44.75
N ILE A 19 17.98 -7.06 -45.57
CA ILE A 19 18.20 -7.14 -47.03
C ILE A 19 17.16 -6.31 -47.79
N SER A 20 15.87 -6.52 -47.53
CA SER A 20 14.82 -5.68 -48.13
C SER A 20 13.57 -5.59 -47.25
N GLU A 21 12.74 -4.59 -47.52
CA GLU A 21 11.47 -4.38 -46.81
C GLU A 21 10.42 -4.07 -47.87
N GLU A 22 9.41 -4.93 -48.01
CA GLU A 22 8.35 -4.84 -49.01
C GLU A 22 7.03 -4.49 -48.35
N LEU A 23 6.36 -3.47 -48.86
CA LEU A 23 5.05 -3.06 -48.33
C LEU A 23 4.04 -4.11 -48.67
N ILE A 24 3.37 -4.63 -47.67
CA ILE A 24 2.25 -5.50 -47.88
C ILE A 24 0.94 -4.68 -47.94
N SER A 25 0.74 -3.80 -46.95
CA SER A 25 -0.53 -3.11 -46.78
C SER A 25 -0.28 -1.90 -45.93
N GLU A 26 -0.82 -0.76 -46.33
CA GLU A 26 -0.58 0.54 -45.68
C GLU A 26 -1.92 1.22 -45.40
N GLY A 27 -2.25 1.42 -44.12
CA GLY A 27 -3.34 2.29 -43.72
C GLY A 27 -2.91 3.72 -43.56
N LYS A 28 -3.79 4.50 -42.91
CA LYS A 28 -3.49 5.87 -42.54
C LYS A 28 -2.45 5.93 -41.42
N TRP A 29 -2.49 4.95 -40.51
CA TRP A 29 -1.71 4.96 -39.26
C TRP A 29 -0.67 3.84 -39.10
N VAL A 30 -0.93 2.70 -39.70
CA VAL A 30 -0.16 1.47 -39.51
C VAL A 30 0.04 0.82 -40.90
N LYS A 31 1.20 0.21 -41.09
CA LYS A 31 1.49 -0.58 -42.26
C LYS A 31 2.14 -1.90 -41.87
N LEU A 32 2.00 -2.89 -42.75
CA LEU A 32 2.57 -4.18 -42.61
C LEU A 32 3.55 -4.42 -43.76
N GLU A 33 4.73 -4.96 -43.43
CA GLU A 33 5.81 -5.18 -44.38
C GLU A 33 6.33 -6.60 -44.29
N LYS A 34 6.78 -7.13 -45.42
CA LYS A 34 7.51 -8.40 -45.45
C LYS A 34 8.99 -8.05 -45.40
N THR A 35 9.66 -8.46 -44.33
CA THR A 35 11.06 -8.12 -44.11
C THR A 35 11.90 -9.29 -44.52
N THR A 36 12.89 -9.03 -45.37
CA THR A 36 13.88 -10.05 -45.71
C THR A 36 15.15 -9.68 -45.03
N TYR A 37 15.73 -10.62 -44.31
CA TYR A 37 16.98 -10.42 -43.58
C TYR A 37 17.92 -11.59 -43.68
N MET A 38 19.17 -11.32 -43.32
CA MET A 38 20.24 -12.32 -43.35
C MET A 38 20.41 -12.89 -41.96
N ASP A 39 20.25 -14.21 -41.85
CA ASP A 39 20.44 -14.88 -40.56
C ASP A 39 21.94 -15.07 -40.30
N PRO A 40 22.33 -15.44 -39.08
CA PRO A 40 23.75 -15.52 -38.77
C PRO A 40 24.48 -16.74 -39.33
N THR A 41 23.75 -17.74 -39.84
CA THR A 41 24.36 -18.84 -40.65
C THR A 41 24.73 -18.39 -42.07
N GLY A 42 24.22 -17.23 -42.51
CA GLY A 42 24.36 -16.77 -43.89
C GLY A 42 23.14 -17.05 -44.76
N LYS A 43 22.08 -17.61 -44.19
CA LYS A 43 20.83 -17.85 -44.93
C LYS A 43 19.89 -16.63 -44.92
N THR A 44 19.24 -16.40 -46.06
CA THR A 44 18.17 -15.42 -46.27
C THR A 44 16.84 -15.93 -45.61
N ARG A 45 16.22 -15.11 -44.75
CA ARG A 45 14.94 -15.44 -44.13
C ARG A 45 13.97 -14.24 -44.18
N THR A 46 12.69 -14.49 -43.90
CA THR A 46 11.70 -13.41 -43.88
C THR A 46 10.98 -13.30 -42.52
N TRP A 47 10.31 -12.18 -42.36
CA TRP A 47 9.60 -11.86 -41.10
C TRP A 47 8.48 -10.92 -41.50
N GLU A 48 7.35 -10.91 -40.81
CA GLU A 48 6.31 -9.93 -41.02
C GLU A 48 6.41 -8.83 -39.97
N SER A 49 6.54 -7.59 -40.41
CA SER A 49 6.87 -6.45 -39.55
C SER A 49 5.80 -5.40 -39.61
N VAL A 50 5.45 -4.89 -38.43
CA VAL A 50 4.52 -3.80 -38.29
C VAL A 50 5.30 -2.48 -38.08
N LYS A 51 4.87 -1.43 -38.76
CA LYS A 51 5.38 -0.09 -38.53
C LYS A 51 4.28 0.94 -38.50
N ARG A 52 4.50 2.06 -37.84
CA ARG A 52 3.56 3.17 -38.00
C ARG A 52 3.96 3.98 -39.24
N THR A 53 3.00 4.70 -39.80
CA THR A 53 3.24 5.59 -40.94
C THR A 53 3.54 7.03 -40.51
N THR A 54 3.36 7.30 -39.22
CA THR A 54 3.51 8.62 -38.64
C THR A 54 4.94 9.01 -38.21
N ARG A 55 5.93 8.15 -38.38
CA ARG A 55 7.26 8.44 -37.85
C ARG A 55 8.06 9.22 -38.87
N LYS A 56 8.62 10.37 -38.51
CA LYS A 56 9.36 11.18 -39.48
C LYS A 56 10.82 11.28 -39.09
N GLU A 57 11.24 12.45 -38.61
CA GLU A 57 12.59 12.62 -38.03
C GLU A 57 12.71 12.47 -36.49
N GLN A 58 11.65 12.02 -35.81
CA GLN A 58 11.70 11.84 -34.35
C GLN A 58 12.56 10.65 -34.03
N THR A 59 13.15 10.68 -32.85
CA THR A 59 14.06 9.63 -32.39
C THR A 59 13.26 8.43 -31.87
N ALA A 60 11.94 8.56 -31.81
CA ALA A 60 11.05 7.47 -31.48
C ALA A 60 9.66 7.83 -31.93
N ASP A 61 8.74 6.86 -31.95
CA ASP A 61 7.38 7.14 -32.28
C ASP A 61 6.67 8.00 -31.23
N GLY A 62 6.90 7.66 -29.97
CA GLY A 62 6.20 8.28 -28.90
C GLY A 62 6.99 8.44 -27.60
N VAL A 63 6.27 8.91 -26.61
CA VAL A 63 6.71 8.96 -25.22
C VAL A 63 5.69 8.30 -24.31
N ALA A 64 6.21 7.75 -23.20
CA ALA A 64 5.42 7.31 -22.04
C ALA A 64 5.99 8.07 -20.84
N VAL A 65 5.11 8.57 -20.00
CA VAL A 65 5.53 9.40 -18.88
C VAL A 65 5.40 8.61 -17.58
N ILE A 66 6.48 8.56 -16.80
CA ILE A 66 6.43 8.06 -15.41
C ILE A 66 6.23 9.27 -14.48
N PRO A 67 4.99 9.56 -14.06
CA PRO A 67 4.76 10.82 -13.37
C PRO A 67 4.67 10.58 -11.86
N VAL A 68 5.67 11.07 -11.14
CA VAL A 68 5.78 10.84 -9.70
C VAL A 68 5.23 12.07 -9.00
N LEU A 69 4.02 11.92 -8.44
CA LEU A 69 3.30 12.98 -7.77
C LEU A 69 3.74 13.08 -6.36
N GLN A 70 4.32 14.25 -6.01
CA GLN A 70 5.03 14.46 -4.71
C GLN A 70 4.32 15.53 -3.98
N ARG A 71 3.99 15.28 -2.70
CA ARG A 71 3.28 16.25 -1.88
C ARG A 71 3.73 16.11 -0.47
N THR A 72 3.78 17.26 0.21
CA THR A 72 4.14 17.28 1.61
C THR A 72 3.19 16.41 2.43
N LEU A 73 3.78 15.54 3.21
CA LEU A 73 3.09 14.69 4.17
C LEU A 73 2.18 13.69 3.46
N HIS A 74 2.55 13.38 2.21
CA HIS A 74 1.90 12.29 1.44
C HIS A 74 2.95 11.34 0.94
N TYR A 75 2.56 10.07 0.83
CA TYR A 75 3.37 9.14 0.12
C TYR A 75 3.33 9.52 -1.37
N GLU A 76 4.45 9.26 -2.04
CA GLU A 76 4.54 9.55 -3.52
C GLU A 76 3.54 8.66 -4.22
N CYS A 77 2.89 9.22 -5.24
CA CYS A 77 2.00 8.47 -6.10
C CYS A 77 2.54 8.42 -7.50
N ILE A 78 2.19 7.33 -8.19
CA ILE A 78 2.44 7.17 -9.61
C ILE A 78 1.10 7.49 -10.27
N VAL A 79 1.11 8.41 -11.21
CA VAL A 79 -0.11 8.87 -11.87
C VAL A 79 -0.30 8.06 -13.17
N LEU A 80 -1.45 7.42 -13.29
CA LEU A 80 -1.75 6.52 -14.42
C LEU A 80 -3.04 6.98 -15.08
N VAL A 81 -3.25 6.48 -16.30
CA VAL A 81 -4.44 6.81 -17.04
C VAL A 81 -5.14 5.55 -17.45
N LYS A 82 -6.48 5.65 -17.49
CA LYS A 82 -7.37 4.54 -17.92
C LYS A 82 -8.15 5.05 -19.13
N GLN A 83 -8.14 4.30 -20.24
CA GLN A 83 -8.90 4.68 -21.42
C GLN A 83 -9.23 3.45 -22.23
N PHE A 84 -10.24 3.58 -23.07
CA PHE A 84 -10.69 2.48 -23.94
C PHE A 84 -9.69 2.44 -25.09
N ARG A 85 -9.20 1.26 -25.36
CA ARG A 85 -8.26 1.01 -26.41
C ARG A 85 -8.89 0.10 -27.46
N PRO A 86 -9.27 0.69 -28.60
CA PRO A 86 -9.88 -0.18 -29.62
C PRO A 86 -9.11 -1.48 -30.00
N PRO A 87 -7.76 -1.46 -30.17
CA PRO A 87 -7.08 -2.72 -30.47
C PRO A 87 -7.28 -3.80 -29.45
N MET A 88 -7.39 -3.44 -28.18
CA MET A 88 -7.66 -4.38 -27.10
C MET A 88 -9.15 -4.71 -26.89
N GLY A 89 -10.06 -3.93 -27.46
CA GLY A 89 -11.51 -4.10 -27.22
C GLY A 89 -11.94 -3.85 -25.78
N GLY A 90 -11.28 -2.91 -25.09
CA GLY A 90 -11.53 -2.72 -23.68
C GLY A 90 -10.61 -1.65 -23.08
N TYR A 91 -10.80 -1.46 -21.78
CA TYR A 91 -10.09 -0.44 -20.99
C TYR A 91 -8.74 -0.91 -20.48
N CYS A 92 -7.75 -0.01 -20.51
CA CYS A 92 -6.36 -0.37 -20.18
C CYS A 92 -5.86 0.67 -19.23
N ILE A 93 -5.03 0.25 -18.29
CA ILE A 93 -4.37 1.19 -17.36
C ILE A 93 -2.93 1.32 -17.80
N GLU A 94 -2.48 2.56 -18.05
CA GLU A 94 -1.19 2.82 -18.68
C GLU A 94 -0.52 4.06 -18.06
N PHE A 95 0.79 4.19 -18.28
CA PHE A 95 1.44 5.50 -18.13
C PHE A 95 0.87 6.49 -19.13
N PRO A 96 0.69 7.77 -18.74
CA PRO A 96 0.30 8.77 -19.76
C PRO A 96 1.27 8.71 -20.93
N ALA A 97 0.80 8.91 -22.17
CA ALA A 97 1.60 8.60 -23.35
C ALA A 97 0.96 9.19 -24.58
N GLY A 98 1.83 9.49 -25.56
CA GLY A 98 1.36 9.94 -26.86
C GLY A 98 2.46 9.91 -27.86
N LEU A 99 2.09 10.08 -29.13
CA LEU A 99 3.10 10.17 -30.15
C LEU A 99 3.77 11.55 -30.10
N ILE A 100 4.99 11.59 -30.60
CA ILE A 100 5.75 12.84 -30.59
C ILE A 100 5.40 13.60 -31.88
N ASP A 101 4.96 14.87 -31.75
CA ASP A 101 4.66 15.68 -32.95
C ASP A 101 5.95 15.95 -33.72
N ASP A 102 5.83 16.14 -35.03
CA ASP A 102 6.99 16.48 -35.87
C ASP A 102 7.70 17.73 -35.30
N GLY A 103 9.00 17.60 -35.08
CA GLY A 103 9.86 18.69 -34.58
C GLY A 103 9.82 18.90 -33.08
N GLU A 104 9.06 18.08 -32.38
CA GLU A 104 8.85 18.21 -30.97
C GLU A 104 9.92 17.36 -30.27
N THR A 105 10.40 17.84 -29.13
CA THR A 105 11.35 17.07 -28.38
C THR A 105 10.63 15.95 -27.57
N PRO A 106 11.33 14.85 -27.27
CA PRO A 106 10.67 13.87 -26.34
C PRO A 106 10.20 14.49 -25.01
N GLU A 107 11.01 15.35 -24.41
CA GLU A 107 10.64 15.99 -23.14
C GLU A 107 9.41 16.88 -23.27
N ALA A 108 9.34 17.65 -24.34
CA ALA A 108 8.19 18.54 -24.54
C ALA A 108 6.94 17.69 -24.75
N ALA A 109 7.08 16.64 -25.56
CA ALA A 109 5.99 15.73 -25.82
C ALA A 109 5.44 15.13 -24.53
N ALA A 110 6.36 14.69 -23.67
CA ALA A 110 5.99 14.13 -22.38
C ALA A 110 5.25 15.08 -21.49
N LEU A 111 5.79 16.28 -21.32
CA LEU A 111 5.13 17.26 -20.49
C LEU A 111 3.76 17.64 -21.06
N ARG A 112 3.68 17.76 -22.37
CA ARG A 112 2.44 18.10 -23.06
C ARG A 112 1.39 17.01 -22.87
N GLU A 113 1.74 15.76 -23.16
CA GLU A 113 0.78 14.65 -23.03
C GLU A 113 0.34 14.46 -21.57
N LEU A 114 1.27 14.63 -20.63
CA LEU A 114 0.95 14.51 -19.22
C LEU A 114 -0.10 15.57 -18.86
N GLU A 115 0.10 16.84 -19.26
CA GLU A 115 -0.89 17.85 -18.97
C GLU A 115 -2.24 17.57 -19.65
N GLU A 116 -2.21 17.21 -20.94
CA GLU A 116 -3.44 16.90 -21.71
C GLU A 116 -4.25 15.76 -21.12
N GLU A 117 -3.55 14.72 -20.72
CA GLU A 117 -4.20 13.50 -20.22
C GLU A 117 -4.59 13.54 -18.72
N THR A 118 -3.87 14.33 -17.94
CA THR A 118 -4.08 14.34 -16.47
C THR A 118 -4.36 15.66 -15.84
N GLY A 119 -4.03 16.76 -16.53
CA GLY A 119 -4.12 18.06 -15.94
C GLY A 119 -2.86 18.50 -15.20
N TYR A 120 -1.94 17.58 -14.87
CA TYR A 120 -0.78 17.98 -14.13
C TYR A 120 0.30 18.60 -14.97
N LYS A 121 0.97 19.59 -14.37
CA LYS A 121 2.17 20.19 -14.88
C LYS A 121 3.40 19.63 -14.18
N GLY A 122 4.18 18.86 -14.90
CA GLY A 122 5.29 18.17 -14.34
C GLY A 122 6.59 18.95 -14.55
N ASP A 123 7.66 18.41 -13.98
CA ASP A 123 9.05 18.89 -14.16
C ASP A 123 9.84 17.72 -14.64
N ILE A 124 10.59 17.88 -15.71
CA ILE A 124 11.44 16.79 -16.20
C ILE A 124 12.43 16.31 -15.15
N ALA A 125 12.52 14.99 -14.99
CA ALA A 125 13.57 14.35 -14.19
C ALA A 125 14.59 13.67 -15.02
N GLU A 126 14.17 12.80 -15.94
CA GLU A 126 15.08 12.04 -16.78
C GLU A 126 14.36 11.62 -18.04
N CYS A 127 15.16 11.27 -19.01
CA CYS A 127 14.67 10.87 -20.35
C CYS A 127 15.48 9.71 -20.87
N SER A 128 14.80 8.59 -21.18
CA SER A 128 15.49 7.40 -21.63
C SER A 128 15.92 7.54 -23.07
N PRO A 129 16.86 6.70 -23.52
CA PRO A 129 17.03 6.52 -24.98
C PRO A 129 15.74 5.88 -25.57
N ALA A 130 15.61 5.86 -26.89
CA ALA A 130 14.53 5.15 -27.52
C ALA A 130 14.52 3.68 -27.16
N VAL A 131 13.40 3.18 -26.68
CA VAL A 131 13.27 1.79 -26.24
C VAL A 131 12.16 1.15 -27.04
N CYS A 132 12.25 -0.16 -27.27
CA CYS A 132 11.32 -0.83 -28.18
C CYS A 132 10.11 -1.40 -27.47
N MET A 133 8.98 -1.20 -28.13
CA MET A 133 7.67 -1.60 -27.63
C MET A 133 7.35 -3.10 -27.75
N ASP A 134 7.64 -3.73 -28.87
CA ASP A 134 7.32 -5.14 -29.05
C ASP A 134 8.18 -5.60 -30.24
N PRO A 135 9.45 -5.83 -30.00
CA PRO A 135 10.41 -5.81 -31.13
C PRO A 135 10.35 -7.07 -32.03
N GLY A 136 9.73 -8.15 -31.56
CA GLY A 136 9.42 -9.28 -32.43
C GLY A 136 8.30 -9.01 -33.41
N LEU A 137 7.56 -7.93 -33.24
CA LEU A 137 6.39 -7.60 -34.06
C LEU A 137 6.46 -6.27 -34.81
N SER A 138 6.93 -5.22 -34.12
CA SER A 138 6.92 -3.88 -34.66
C SER A 138 8.28 -3.18 -34.49
N ASN A 139 8.44 -2.09 -35.23
CA ASN A 139 9.62 -1.22 -35.04
C ASN A 139 9.33 -0.10 -34.05
N CYS A 140 8.19 -0.12 -33.39
CA CYS A 140 7.75 1.01 -32.63
C CYS A 140 8.63 1.21 -31.40
N THR A 141 8.93 2.47 -31.16
CA THR A 141 9.81 2.86 -30.07
C THR A 141 9.23 4.07 -29.34
N ILE A 142 9.64 4.18 -28.07
CA ILE A 142 9.26 5.35 -27.27
C ILE A 142 10.48 5.83 -26.49
N HIS A 143 10.41 7.07 -26.01
CA HIS A 143 11.17 7.50 -24.82
C HIS A 143 10.26 7.43 -23.58
N ILE A 144 10.80 6.85 -22.52
CA ILE A 144 10.21 6.83 -21.22
C ILE A 144 10.81 8.03 -20.49
N VAL A 145 9.95 8.95 -20.17
CA VAL A 145 10.33 10.24 -19.56
C VAL A 145 9.80 10.26 -18.15
N THR A 146 10.72 10.31 -17.18
CA THR A 146 10.33 10.44 -15.78
C THR A 146 10.14 11.93 -15.48
N VAL A 147 9.05 12.24 -14.83
CA VAL A 147 8.65 13.59 -14.52
C VAL A 147 8.15 13.62 -13.08
N THR A 148 8.59 14.61 -12.32
CA THR A 148 8.04 14.80 -10.97
C THR A 148 6.94 15.86 -11.06
N ILE A 149 5.90 15.71 -10.25
CA ILE A 149 4.80 16.62 -10.16
C ILE A 149 4.76 17.22 -8.74
N ASN A 150 4.91 18.54 -8.64
CA ASN A 150 4.83 19.19 -7.33
C ASN A 150 3.36 19.37 -7.05
N GLY A 151 2.76 18.42 -6.31
CA GLY A 151 1.36 18.52 -5.99
C GLY A 151 1.04 19.57 -4.91
N ASP A 152 2.06 20.22 -4.34
CA ASP A 152 1.79 21.39 -3.46
C ASP A 152 1.65 22.70 -4.24
N ASP A 153 2.06 22.72 -5.51
CA ASP A 153 1.94 23.92 -6.33
C ASP A 153 0.47 24.12 -6.69
N ALA A 154 0.02 25.36 -6.64
CA ALA A 154 -1.41 25.67 -6.87
C ALA A 154 -1.90 25.25 -8.27
N GLU A 155 -1.02 25.36 -9.26
CA GLU A 155 -1.30 24.86 -10.63
C GLU A 155 -1.74 23.38 -10.62
N ASN A 156 -1.27 22.60 -9.65
CA ASN A 156 -1.58 21.18 -9.60
C ASN A 156 -2.58 20.78 -8.52
N ALA A 157 -3.38 21.76 -8.07
CA ALA A 157 -4.30 21.55 -6.94
C ALA A 157 -5.50 20.76 -7.40
N ARG A 158 -6.20 21.30 -8.41
CA ARG A 158 -7.42 20.67 -8.95
C ARG A 158 -7.25 20.50 -10.47
N PRO A 159 -6.37 19.57 -10.90
CA PRO A 159 -5.99 19.41 -12.31
C PRO A 159 -7.10 18.77 -13.15
N LYS A 160 -7.46 19.42 -14.25
CA LYS A 160 -8.46 18.90 -15.21
C LYS A 160 -7.79 18.43 -16.52
N PRO A 161 -7.95 17.13 -16.88
CA PRO A 161 -7.55 16.70 -18.25
C PRO A 161 -8.05 17.65 -19.37
N LYS A 162 -7.21 17.93 -20.37
CA LYS A 162 -7.61 18.58 -21.64
C LYS A 162 -7.62 17.54 -22.75
N PRO A 163 -8.63 16.63 -22.74
CA PRO A 163 -8.63 15.61 -23.79
C PRO A 163 -8.78 16.21 -25.21
N GLY A 164 -7.97 15.75 -26.15
CA GLY A 164 -8.13 16.09 -27.57
C GLY A 164 -9.41 15.51 -28.15
N ASP A 165 -9.59 15.68 -29.46
CA ASP A 165 -10.76 15.11 -30.15
C ASP A 165 -10.63 13.58 -30.12
N GLY A 166 -11.69 12.89 -29.68
CA GLY A 166 -11.65 11.44 -29.58
C GLY A 166 -10.81 10.87 -28.41
N GLU A 167 -10.33 11.73 -27.52
CA GLU A 167 -9.56 11.33 -26.33
C GLU A 167 -10.51 11.37 -25.14
N PHE A 168 -10.53 10.29 -24.35
CA PHE A 168 -11.45 10.16 -23.21
C PHE A 168 -10.75 9.38 -22.09
N VAL A 169 -10.11 10.13 -21.21
CA VAL A 169 -9.13 9.62 -20.28
C VAL A 169 -9.54 9.86 -18.80
N GLU A 170 -9.39 8.82 -17.99
CA GLU A 170 -9.60 8.84 -16.55
C GLU A 170 -8.24 8.76 -15.85
N VAL A 171 -8.04 9.54 -14.80
CA VAL A 171 -6.78 9.53 -14.06
C VAL A 171 -6.86 8.69 -12.81
N ILE A 172 -5.82 7.87 -12.57
CA ILE A 172 -5.73 6.98 -11.41
C ILE A 172 -4.37 7.17 -10.81
N SER A 173 -4.32 7.76 -9.61
CA SER A 173 -3.09 7.93 -8.88
C SER A 173 -2.96 6.94 -7.75
N LEU A 174 -1.90 6.14 -7.79
CA LEU A 174 -1.67 5.02 -6.85
C LEU A 174 -0.38 5.24 -6.11
N PRO A 175 -0.36 4.99 -4.75
CA PRO A 175 0.91 5.15 -4.03
C PRO A 175 1.98 4.24 -4.51
N LYS A 176 3.18 4.78 -4.72
CA LYS A 176 4.31 4.07 -5.20
C LYS A 176 4.65 2.89 -4.31
N ASN A 177 4.49 3.09 -3.00
CA ASN A 177 4.89 2.08 -2.03
C ASN A 177 3.94 0.88 -1.99
N ASP A 178 2.85 0.92 -2.73
CA ASP A 178 1.93 -0.24 -2.78
C ASP A 178 1.40 -0.48 -4.19
N LEU A 179 2.20 -0.13 -5.20
CA LEU A 179 1.62 -0.01 -6.54
C LEU A 179 1.07 -1.36 -7.09
N LEU A 180 1.88 -2.42 -6.92
CA LEU A 180 1.55 -3.73 -7.46
C LEU A 180 0.25 -4.21 -6.82
N GLN A 181 0.11 -4.10 -5.50
CA GLN A 181 -1.15 -4.55 -4.86
C GLN A 181 -2.34 -3.74 -5.28
N ARG A 182 -2.14 -2.45 -5.49
CA ARG A 182 -3.23 -1.60 -5.88
C ARG A 182 -3.71 -1.85 -7.31
N LEU A 183 -2.74 -2.17 -8.18
CA LEU A 183 -3.05 -2.61 -9.53
C LEU A 183 -3.81 -3.93 -9.53
N ASP A 184 -3.29 -4.88 -8.78
CA ASP A 184 -3.97 -6.20 -8.65
C ASP A 184 -5.40 -6.03 -8.15
N ALA A 185 -5.63 -5.11 -7.21
CA ALA A 185 -6.99 -4.84 -6.70
C ALA A 185 -7.90 -4.28 -7.76
N LEU A 186 -7.37 -3.37 -8.59
CA LEU A 186 -8.10 -2.87 -9.74
C LEU A 186 -8.44 -3.94 -10.77
N VAL A 187 -7.52 -4.85 -11.03
CA VAL A 187 -7.74 -5.93 -12.01
C VAL A 187 -8.80 -6.88 -11.43
N ALA A 188 -8.71 -7.14 -10.13
CA ALA A 188 -9.72 -8.03 -9.47
C ALA A 188 -11.18 -7.50 -9.46
N GLU A 189 -11.36 -6.17 -9.39
CA GLU A 189 -12.68 -5.56 -9.25
C GLU A 189 -13.27 -5.07 -10.57
N GLU A 190 -12.57 -5.31 -11.68
CA GLU A 190 -12.99 -4.75 -12.96
C GLU A 190 -12.45 -5.52 -14.17
N HIS A 191 -13.16 -5.41 -15.29
CA HIS A 191 -12.66 -5.90 -16.56
C HIS A 191 -11.77 -4.82 -17.17
N LEU A 192 -10.47 -5.01 -17.04
CA LEU A 192 -9.52 -4.06 -17.56
C LEU A 192 -8.13 -4.61 -17.45
N THR A 193 -7.27 -4.13 -18.34
CA THR A 193 -5.95 -4.70 -18.54
C THR A 193 -4.85 -3.69 -18.12
N VAL A 194 -3.86 -4.15 -17.41
CA VAL A 194 -2.77 -3.29 -17.04
C VAL A 194 -1.72 -3.40 -18.11
N ASP A 195 -1.12 -2.27 -18.46
CA ASP A 195 0.00 -2.25 -19.41
C ASP A 195 1.24 -2.94 -18.90
N ALA A 196 1.92 -3.60 -19.79
CA ALA A 196 3.11 -4.36 -19.40
C ALA A 196 4.27 -3.51 -18.83
N ARG A 197 4.37 -2.28 -19.26
CA ARG A 197 5.44 -1.39 -18.70
C ARG A 197 5.07 -0.95 -17.29
N VAL A 198 3.80 -0.66 -17.07
CA VAL A 198 3.28 -0.32 -15.76
C VAL A 198 3.48 -1.50 -14.81
N TYR A 199 3.12 -2.70 -15.28
CA TYR A 199 3.30 -3.90 -14.45
C TYR A 199 4.79 -4.19 -14.10
N SER A 200 5.67 -3.99 -15.07
CA SER A 200 7.11 -4.23 -14.92
C SER A 200 7.66 -3.26 -13.88
N TYR A 201 7.20 -2.02 -13.99
CA TYR A 201 7.57 -0.95 -13.04
C TYR A 201 7.11 -1.30 -11.62
N ALA A 202 5.84 -1.68 -11.48
CA ALA A 202 5.32 -2.10 -10.17
C ALA A 202 6.01 -3.33 -9.59
N LEU A 203 6.39 -4.29 -10.44
CA LEU A 203 7.12 -5.49 -10.00
C LEU A 203 8.51 -5.13 -9.44
N ALA A 204 9.27 -4.31 -10.17
CA ALA A 204 10.60 -3.90 -9.69
C ALA A 204 10.51 -3.13 -8.34
N LEU A 205 9.48 -2.31 -8.17
CA LEU A 205 9.25 -1.58 -6.91
C LEU A 205 9.08 -2.60 -5.75
N LYS A 206 8.32 -3.66 -5.98
CA LYS A 206 8.29 -4.79 -5.05
C LYS A 206 9.66 -5.42 -4.85
N HIS A 207 10.33 -5.80 -5.93
CA HIS A 207 11.55 -6.56 -5.90
C HIS A 207 12.70 -5.78 -5.26
N ALA A 208 12.66 -4.45 -5.35
CA ALA A 208 13.75 -3.66 -4.80
C ALA A 208 13.75 -3.81 -3.25
N LYS B 15 -19.05 1.96 -21.24
CA LYS B 15 -19.56 3.07 -22.09
C LYS B 15 -19.06 2.98 -23.53
N GLN B 16 -17.77 2.70 -23.72
CA GLN B 16 -17.22 2.48 -25.08
C GLN B 16 -17.13 0.99 -25.40
N TYR B 17 -17.27 0.65 -26.67
CA TYR B 17 -17.23 -0.73 -27.07
C TYR B 17 -17.01 -0.85 -28.55
N ILE B 18 -16.63 -2.06 -28.94
CA ILE B 18 -16.40 -2.45 -30.28
C ILE B 18 -17.73 -2.81 -31.01
N ILE B 19 -17.90 -2.25 -32.20
CA ILE B 19 -19.07 -2.50 -33.03
C ILE B 19 -18.75 -3.56 -34.07
N SER B 20 -17.62 -3.40 -34.79
CA SER B 20 -17.16 -4.39 -35.79
C SER B 20 -15.70 -4.30 -36.11
N GLU B 21 -15.18 -5.37 -36.70
CA GLU B 21 -13.79 -5.46 -37.06
C GLU B 21 -13.75 -5.94 -38.50
N GLU B 22 -13.06 -5.18 -39.32
CA GLU B 22 -12.91 -5.47 -40.72
C GLU B 22 -11.48 -5.90 -40.97
N LEU B 23 -11.30 -7.09 -41.53
CA LEU B 23 -9.96 -7.53 -41.96
C LEU B 23 -9.40 -6.69 -43.10
N ILE B 24 -8.22 -6.11 -42.92
CA ILE B 24 -7.55 -5.39 -43.99
C ILE B 24 -6.52 -6.29 -44.70
N SER B 25 -5.73 -7.02 -43.94
CA SER B 25 -4.64 -7.84 -44.52
C SER B 25 -4.24 -8.87 -43.46
N GLU B 26 -4.06 -10.13 -43.86
CA GLU B 26 -3.73 -11.24 -42.99
C GLU B 26 -2.51 -11.89 -43.57
N GLY B 27 -1.44 -11.89 -42.79
CA GLY B 27 -0.24 -12.66 -43.09
C GLY B 27 -0.29 -14.00 -42.38
N LYS B 28 0.86 -14.66 -42.36
CA LYS B 28 1.04 -15.92 -41.62
C LYS B 28 1.02 -15.68 -40.12
N TRP B 29 1.69 -14.61 -39.69
CA TRP B 29 1.92 -14.31 -38.27
C TRP B 29 1.13 -13.13 -37.71
N VAL B 30 0.73 -12.20 -38.57
CA VAL B 30 0.16 -10.92 -38.15
C VAL B 30 -0.91 -10.47 -39.14
N LYS B 31 -1.96 -9.87 -38.61
CA LYS B 31 -3.02 -9.25 -39.42
C LYS B 31 -3.29 -7.80 -39.01
N LEU B 32 -3.82 -7.02 -39.95
CA LEU B 32 -4.17 -5.64 -39.74
C LEU B 32 -5.66 -5.54 -39.95
N GLU B 33 -6.36 -4.89 -39.01
CA GLU B 33 -7.83 -4.79 -39.01
C GLU B 33 -8.24 -3.34 -38.86
N LYS B 34 -9.42 -3.03 -39.36
CA LYS B 34 -10.02 -1.73 -39.11
C LYS B 34 -11.15 -1.95 -38.12
N THR B 35 -11.01 -1.38 -36.93
CA THR B 35 -11.93 -1.53 -35.85
C THR B 35 -12.89 -0.36 -35.85
N THR B 36 -14.20 -0.67 -35.81
CA THR B 36 -15.20 0.36 -35.54
C THR B 36 -15.67 0.28 -34.09
N TYR B 37 -15.74 1.43 -33.42
CA TYR B 37 -16.10 1.49 -32.03
C TYR B 37 -16.93 2.71 -31.72
N MET B 38 -17.64 2.65 -30.61
CA MET B 38 -18.51 3.73 -30.16
C MET B 38 -17.72 4.54 -29.17
N ASP B 39 -17.57 5.82 -29.44
CA ASP B 39 -16.83 6.71 -28.53
C ASP B 39 -17.84 7.12 -27.44
N PRO B 40 -17.37 7.71 -26.35
CA PRO B 40 -18.31 7.91 -25.22
C PRO B 40 -19.39 8.99 -25.49
N THR B 41 -19.12 9.95 -26.37
CA THR B 41 -20.16 10.90 -26.84
C THR B 41 -21.32 10.26 -27.64
N GLY B 42 -21.27 8.95 -27.94
CA GLY B 42 -22.23 8.31 -28.87
C GLY B 42 -21.86 8.37 -30.36
N LYS B 43 -20.67 8.86 -30.67
CA LYS B 43 -20.14 8.92 -32.06
C LYS B 43 -19.35 7.66 -32.43
N THR B 44 -19.60 7.14 -33.63
CA THR B 44 -18.92 5.97 -34.14
C THR B 44 -17.60 6.41 -34.72
N ARG B 45 -16.52 5.68 -34.42
CA ARG B 45 -15.15 6.02 -34.85
C ARG B 45 -14.41 4.76 -35.29
N THR B 46 -13.31 4.95 -36.02
CA THR B 46 -12.48 3.85 -36.48
C THR B 46 -11.05 3.93 -35.95
N TRP B 47 -10.43 2.76 -35.92
CA TRP B 47 -9.07 2.58 -35.45
C TRP B 47 -8.40 1.50 -36.31
N GLU B 48 -7.11 1.67 -36.57
CA GLU B 48 -6.33 0.60 -37.22
C GLU B 48 -5.59 -0.22 -36.14
N SER B 49 -5.85 -1.51 -36.12
CA SER B 49 -5.46 -2.44 -35.07
C SER B 49 -4.69 -3.62 -35.63
N VAL B 50 -3.64 -4.03 -34.92
CA VAL B 50 -2.83 -5.17 -35.28
C VAL B 50 -3.15 -6.30 -34.33
N LYS B 51 -3.21 -7.51 -34.87
CA LYS B 51 -3.32 -8.70 -34.05
C LYS B 51 -2.40 -9.78 -34.58
N ARG B 52 -2.00 -10.69 -33.68
CA ARG B 52 -1.30 -11.88 -34.15
C ARG B 52 -2.33 -12.89 -34.62
N THR B 53 -1.93 -13.75 -35.56
CA THR B 53 -2.82 -14.85 -36.04
C THR B 53 -2.62 -16.16 -35.25
N THR B 54 -1.76 -16.13 -34.25
CA THR B 54 -1.37 -17.30 -33.50
C THR B 54 -2.09 -17.49 -32.16
N ARG B 55 -2.93 -16.56 -31.71
CA ARG B 55 -3.49 -16.68 -30.37
C ARG B 55 -4.56 -17.77 -30.32
N LYS B 56 -4.58 -18.56 -29.22
CA LYS B 56 -5.36 -19.82 -29.10
C LYS B 56 -6.64 -19.74 -28.26
N GLN B 58 -5.40 -19.36 -25.48
CA GLN B 58 -4.58 -19.02 -24.34
C GLN B 58 -4.97 -17.76 -23.59
N THR B 59 -4.37 -17.65 -22.40
CA THR B 59 -4.40 -16.47 -21.51
C THR B 59 -3.87 -15.20 -22.16
N ALA B 60 -3.02 -15.36 -23.18
CA ALA B 60 -2.16 -14.29 -23.70
C ALA B 60 -1.43 -14.82 -24.90
N ASP B 61 -0.90 -13.91 -25.71
CA ASP B 61 -0.01 -14.33 -26.80
C ASP B 61 1.25 -15.03 -26.37
N GLY B 62 1.91 -14.44 -25.35
CA GLY B 62 3.23 -14.85 -24.95
C GLY B 62 3.53 -14.70 -23.47
N VAL B 63 4.77 -15.06 -23.12
CA VAL B 63 5.34 -14.80 -21.81
C VAL B 63 6.64 -14.01 -21.97
N ALA B 64 6.97 -13.25 -20.92
CA ALA B 64 8.29 -12.68 -20.75
C ALA B 64 8.71 -13.02 -19.32
N VAL B 65 9.95 -13.42 -19.18
CA VAL B 65 10.49 -13.94 -17.97
C VAL B 65 11.42 -12.91 -17.37
N ILE B 66 11.19 -12.56 -16.12
CA ILE B 66 12.16 -11.79 -15.33
C ILE B 66 13.04 -12.80 -14.54
N PRO B 67 14.27 -13.10 -15.06
CA PRO B 67 15.04 -14.18 -14.45
C PRO B 67 16.08 -13.62 -13.50
N VAL B 68 15.85 -13.85 -12.21
CA VAL B 68 16.74 -13.39 -11.16
C VAL B 68 17.78 -14.45 -10.84
N LEU B 69 19.01 -14.23 -11.33
CA LEU B 69 20.14 -15.19 -11.13
C LEU B 69 20.75 -14.95 -9.77
N GLN B 70 20.57 -15.92 -8.88
CA GLN B 70 21.06 -15.84 -7.51
C GLN B 70 22.25 -16.75 -7.27
N ARG B 71 23.42 -16.16 -7.01
CA ARG B 71 24.66 -16.91 -6.74
C ARG B 71 25.21 -16.34 -5.44
N THR B 72 25.56 -17.22 -4.50
CA THR B 72 26.06 -16.71 -3.25
C THR B 72 27.40 -15.97 -3.45
N LEU B 73 27.57 -14.92 -2.66
CA LEU B 73 28.74 -14.02 -2.72
C LEU B 73 28.95 -13.26 -4.03
N HIS B 74 27.87 -13.15 -4.79
CA HIS B 74 27.84 -12.36 -6.02
C HIS B 74 26.66 -11.42 -5.93
N TYR B 75 26.70 -10.37 -6.72
CA TYR B 75 25.47 -9.60 -6.88
C TYR B 75 24.39 -10.44 -7.56
N GLU B 76 23.16 -10.17 -7.18
CA GLU B 76 21.99 -10.77 -7.85
C GLU B 76 21.91 -10.14 -9.23
N CYS B 77 21.74 -10.96 -10.27
CA CYS B 77 21.69 -10.47 -11.64
C CYS B 77 20.32 -10.72 -12.25
N ILE B 78 19.99 -9.86 -13.19
CA ILE B 78 18.87 -10.12 -14.07
C ILE B 78 19.45 -10.65 -15.36
N VAL B 79 18.90 -11.75 -15.82
CA VAL B 79 19.39 -12.38 -17.03
C VAL B 79 18.60 -11.85 -18.23
N LEU B 80 19.27 -11.29 -19.20
CA LEU B 80 18.59 -10.75 -20.40
C LEU B 80 19.12 -11.40 -21.67
N VAL B 81 18.47 -11.14 -22.79
CA VAL B 81 18.88 -11.72 -24.05
C VAL B 81 19.03 -10.68 -25.10
N LYS B 82 19.99 -10.90 -26.02
CA LYS B 82 20.24 -10.00 -27.14
C LYS B 82 20.04 -10.79 -28.45
N GLN B 83 19.24 -10.23 -29.35
CA GLN B 83 18.90 -10.89 -30.62
C GLN B 83 18.65 -9.82 -31.65
N PHE B 84 18.84 -10.20 -32.91
CA PHE B 84 18.48 -9.38 -34.03
C PHE B 84 17.00 -9.45 -34.15
N ARG B 85 16.37 -8.30 -34.27
CA ARG B 85 14.93 -8.25 -34.42
C ARG B 85 14.60 -7.64 -35.75
N PRO B 86 14.12 -8.46 -36.71
CA PRO B 86 13.88 -7.93 -38.06
C PRO B 86 12.95 -6.70 -38.14
N PRO B 87 11.87 -6.65 -37.33
CA PRO B 87 11.12 -5.41 -37.40
C PRO B 87 11.88 -4.18 -36.97
N MET B 88 12.82 -4.34 -36.05
CA MET B 88 13.61 -3.22 -35.57
C MET B 88 14.78 -2.90 -36.52
N GLY B 89 15.20 -3.87 -37.33
CA GLY B 89 16.35 -3.70 -38.21
C GLY B 89 17.66 -3.67 -37.46
N GLY B 90 17.69 -4.26 -36.27
CA GLY B 90 18.81 -4.10 -35.35
C GLY B 90 18.70 -5.05 -34.18
N TYR B 91 19.71 -5.01 -33.31
CA TYR B 91 19.76 -5.89 -32.17
C TYR B 91 19.09 -5.22 -30.97
N CYS B 92 18.40 -6.04 -30.17
CA CYS B 92 17.65 -5.60 -28.98
C CYS B 92 18.04 -6.42 -27.78
N ILE B 93 17.95 -5.81 -26.61
CA ILE B 93 18.16 -6.43 -25.32
C ILE B 93 16.76 -6.51 -24.66
N GLU B 94 16.39 -7.72 -24.28
CA GLU B 94 15.04 -8.04 -23.79
C GLU B 94 15.05 -9.07 -22.66
N PHE B 95 13.94 -9.15 -21.91
CA PHE B 95 13.71 -10.30 -21.07
C PHE B 95 13.56 -11.54 -21.98
N PRO B 96 14.08 -12.69 -21.57
CA PRO B 96 13.73 -13.93 -22.35
C PRO B 96 12.25 -14.08 -22.49
N ALA B 97 11.81 -14.50 -23.67
CA ALA B 97 10.43 -14.46 -24.00
C ALA B 97 10.09 -15.28 -25.25
N GLY B 98 8.85 -15.75 -25.27
CA GLY B 98 8.30 -16.37 -26.47
C GLY B 98 6.81 -16.56 -26.37
N LEU B 99 6.22 -17.00 -27.49
CA LEU B 99 4.80 -17.26 -27.55
C LEU B 99 4.47 -18.52 -26.74
N ILE B 100 3.24 -18.55 -26.20
CA ILE B 100 2.76 -19.67 -25.40
C ILE B 100 2.26 -20.76 -26.38
N ASP B 101 2.76 -21.99 -26.24
CA ASP B 101 2.30 -23.10 -27.11
C ASP B 101 0.85 -23.44 -26.79
N ASP B 102 0.10 -23.85 -27.83
CA ASP B 102 -1.30 -24.23 -27.66
C ASP B 102 -1.39 -25.33 -26.61
N GLY B 103 -2.17 -25.10 -25.55
CA GLY B 103 -2.28 -26.05 -24.45
C GLY B 103 -1.13 -26.03 -23.45
N GLU B 104 -0.31 -24.98 -23.47
CA GLU B 104 0.77 -24.78 -22.48
C GLU B 104 0.32 -23.74 -21.43
N THR B 105 0.63 -23.96 -20.16
CA THR B 105 0.40 -22.93 -19.14
C THR B 105 1.47 -21.81 -19.22
N PRO B 106 1.15 -20.59 -18.76
CA PRO B 106 2.15 -19.50 -18.81
C PRO B 106 3.44 -19.79 -18.04
N GLU B 107 3.27 -20.37 -16.87
CA GLU B 107 4.39 -20.83 -16.03
C GLU B 107 5.29 -21.81 -16.78
N ALA B 108 4.68 -22.73 -17.53
CA ALA B 108 5.45 -23.76 -18.22
C ALA B 108 6.15 -23.17 -19.42
N ALA B 109 5.47 -22.23 -20.11
CA ALA B 109 6.07 -21.51 -21.23
C ALA B 109 7.27 -20.69 -20.77
N ALA B 110 7.16 -20.15 -19.56
CA ALA B 110 8.24 -19.31 -18.96
C ALA B 110 9.47 -20.11 -18.69
N LEU B 111 9.32 -21.26 -18.01
CA LEU B 111 10.47 -22.12 -17.78
C LEU B 111 11.08 -22.68 -19.05
N ARG B 112 10.22 -23.06 -19.98
CA ARG B 112 10.68 -23.58 -21.23
C ARG B 112 11.47 -22.54 -21.99
N GLU B 113 10.92 -21.33 -22.15
CA GLU B 113 11.61 -20.32 -22.96
C GLU B 113 12.91 -19.90 -22.32
N LEU B 114 12.87 -19.79 -21.00
CA LEU B 114 14.06 -19.43 -20.27
C LEU B 114 15.17 -20.44 -20.55
N GLU B 115 14.83 -21.73 -20.54
CA GLU B 115 15.86 -22.76 -20.82
C GLU B 115 16.37 -22.76 -22.24
N GLU B 116 15.46 -22.66 -23.20
CA GLU B 116 15.81 -22.58 -24.61
C GLU B 116 16.69 -21.36 -24.93
N GLU B 117 16.34 -20.21 -24.36
CA GLU B 117 17.00 -18.95 -24.69
C GLU B 117 18.30 -18.68 -23.90
N THR B 118 18.35 -19.17 -22.66
CA THR B 118 19.50 -18.94 -21.78
C THR B 118 20.26 -20.21 -21.32
N GLY B 119 19.61 -21.37 -21.38
CA GLY B 119 20.11 -22.57 -20.72
C GLY B 119 19.82 -22.70 -19.25
N TYR B 120 19.36 -21.64 -18.57
CA TYR B 120 19.08 -21.76 -17.12
C TYR B 120 17.75 -22.46 -16.84
N LYS B 121 17.73 -23.16 -15.70
CA LYS B 121 16.60 -23.89 -15.14
C LYS B 121 16.19 -23.16 -13.89
N GLY B 122 14.99 -22.61 -13.92
CA GLY B 122 14.51 -21.75 -12.87
C GLY B 122 13.29 -22.25 -12.14
N ASP B 123 12.96 -21.52 -11.10
CA ASP B 123 11.78 -21.75 -10.30
C ASP B 123 10.88 -20.57 -10.42
N ILE B 124 9.58 -20.84 -10.51
CA ILE B 124 8.57 -19.81 -10.57
C ILE B 124 8.40 -19.10 -9.22
N ALA B 125 8.46 -17.76 -9.21
CA ALA B 125 8.20 -16.99 -8.03
C ALA B 125 6.82 -16.38 -8.03
N GLU B 126 6.46 -15.78 -9.15
CA GLU B 126 5.12 -15.19 -9.31
C GLU B 126 4.83 -15.05 -10.82
N CYS B 127 3.56 -14.84 -11.16
CA CYS B 127 3.08 -14.75 -12.54
C CYS B 127 2.02 -13.65 -12.60
N SER B 128 2.20 -12.69 -13.51
CA SER B 128 1.19 -11.64 -13.69
C SER B 128 -0.10 -12.13 -14.37
N PRO B 129 -1.18 -11.35 -14.23
CA PRO B 129 -2.28 -11.48 -15.17
C PRO B 129 -1.82 -11.10 -16.59
N ALA B 130 -2.66 -11.33 -17.57
CA ALA B 130 -2.34 -10.89 -18.93
C ALA B 130 -2.18 -9.35 -18.94
N VAL B 131 -1.08 -8.88 -19.50
CA VAL B 131 -0.80 -7.43 -19.57
C VAL B 131 -0.54 -7.02 -21.01
N CYS B 132 -0.95 -5.82 -21.41
CA CYS B 132 -0.83 -5.44 -22.80
C CYS B 132 0.51 -4.84 -23.24
N MET B 133 0.88 -5.16 -24.47
CA MET B 133 2.16 -4.79 -25.02
C MET B 133 2.22 -3.36 -25.58
N ASP B 134 1.22 -2.96 -26.36
CA ASP B 134 1.22 -1.70 -27.00
C ASP B 134 -0.25 -1.44 -27.39
N PRO B 135 -1.08 -1.03 -26.41
CA PRO B 135 -2.55 -1.19 -26.57
C PRO B 135 -3.23 -0.18 -27.53
N GLY B 136 -2.51 0.92 -27.87
CA GLY B 136 -2.92 1.80 -28.93
C GLY B 136 -2.63 1.25 -30.32
N LEU B 137 -1.92 0.16 -30.40
CA LEU B 137 -1.51 -0.41 -31.70
C LEU B 137 -2.06 -1.79 -31.90
N SER B 138 -1.93 -2.66 -30.89
CA SER B 138 -2.24 -4.08 -31.02
C SER B 138 -3.03 -4.63 -29.88
N ASN B 139 -3.60 -5.83 -30.06
CA ASN B 139 -4.18 -6.56 -28.92
C ASN B 139 -3.19 -7.47 -28.18
N CYS B 140 -1.87 -7.31 -28.44
CA CYS B 140 -0.90 -8.32 -27.97
C CYS B 140 -0.73 -8.25 -26.47
N THR B 141 -0.73 -9.43 -25.85
CA THR B 141 -0.60 -9.53 -24.41
C THR B 141 0.37 -10.61 -24.01
N ILE B 142 0.93 -10.46 -22.80
CA ILE B 142 1.83 -11.43 -22.25
C ILE B 142 1.55 -11.61 -20.78
N HIS B 143 2.00 -12.73 -20.21
CA HIS B 143 2.22 -12.83 -18.79
C HIS B 143 3.69 -12.57 -18.47
N ILE B 144 3.92 -11.74 -17.47
CA ILE B 144 5.27 -11.51 -16.98
C ILE B 144 5.44 -12.49 -15.82
N VAL B 145 6.43 -13.33 -15.96
CA VAL B 145 6.70 -14.41 -15.00
C VAL B 145 8.07 -14.18 -14.36
N THR B 146 8.05 -13.93 -13.05
CA THR B 146 9.27 -13.72 -12.25
C THR B 146 9.75 -15.10 -11.86
N VAL B 147 11.01 -15.34 -12.10
CA VAL B 147 11.61 -16.68 -11.94
C VAL B 147 12.93 -16.48 -11.24
N THR B 148 13.21 -17.29 -10.24
CA THR B 148 14.54 -17.23 -9.63
C THR B 148 15.33 -18.42 -10.16
N ILE B 149 16.64 -18.24 -10.28
CA ILE B 149 17.56 -19.24 -10.80
C ILE B 149 18.66 -19.45 -9.75
N ASN B 150 18.77 -20.66 -9.24
CA ASN B 150 19.80 -20.94 -8.24
C ASN B 150 21.02 -21.21 -9.03
N GLY B 151 21.88 -20.20 -9.13
CA GLY B 151 23.07 -20.26 -9.96
C GLY B 151 24.17 -21.15 -9.36
N ASP B 152 23.98 -21.56 -8.11
CA ASP B 152 24.89 -22.45 -7.41
C ASP B 152 24.58 -23.94 -7.63
N ASP B 153 23.47 -24.26 -8.29
CA ASP B 153 23.15 -25.67 -8.61
C ASP B 153 23.93 -26.11 -9.81
N ALA B 154 24.27 -27.41 -9.80
CA ALA B 154 24.98 -28.03 -10.90
C ALA B 154 24.30 -27.87 -12.27
N GLU B 155 22.97 -27.94 -12.33
CA GLU B 155 22.26 -27.80 -13.62
C GLU B 155 22.42 -26.43 -14.29
N ASN B 156 22.79 -25.42 -13.48
CA ASN B 156 23.03 -24.05 -13.94
C ASN B 156 24.52 -23.69 -13.94
N ALA B 157 25.38 -24.70 -13.81
CA ALA B 157 26.82 -24.50 -13.93
C ALA B 157 27.20 -24.06 -15.33
N ARG B 158 26.88 -24.89 -16.31
CA ARG B 158 27.27 -24.66 -17.70
C ARG B 158 25.97 -24.63 -18.52
N PRO B 159 25.22 -23.50 -18.42
CA PRO B 159 23.84 -23.55 -18.94
C PRO B 159 23.79 -23.82 -20.45
N LYS B 160 22.97 -24.78 -20.89
CA LYS B 160 22.88 -25.19 -22.31
C LYS B 160 21.71 -24.48 -23.05
N PRO B 161 21.98 -23.38 -23.80
CA PRO B 161 20.91 -22.75 -24.61
C PRO B 161 20.51 -23.63 -25.80
N LYS B 162 19.21 -23.93 -25.90
CA LYS B 162 18.67 -24.79 -26.94
C LYS B 162 17.81 -23.96 -27.91
N PRO B 163 18.45 -23.16 -28.79
CA PRO B 163 17.69 -22.36 -29.74
C PRO B 163 16.90 -23.23 -30.71
N GLY B 164 15.64 -22.90 -30.92
CA GLY B 164 14.87 -23.48 -32.03
C GLY B 164 15.42 -23.03 -33.37
N ASP B 165 14.78 -23.51 -34.44
CA ASP B 165 15.20 -23.16 -35.81
C ASP B 165 15.12 -21.64 -36.03
N GLY B 166 16.20 -21.01 -36.48
CA GLY B 166 16.19 -19.57 -36.78
C GLY B 166 16.33 -18.57 -35.62
N GLU B 167 16.21 -19.04 -34.37
CA GLU B 167 16.54 -18.22 -33.19
C GLU B 167 18.06 -18.25 -32.98
N PHE B 168 18.64 -17.08 -32.71
CA PHE B 168 20.06 -16.95 -32.36
C PHE B 168 20.21 -15.89 -31.27
N VAL B 169 20.55 -16.34 -30.07
CA VAL B 169 20.36 -15.55 -28.85
C VAL B 169 21.67 -15.50 -28.07
N GLU B 170 22.06 -14.31 -27.61
CA GLU B 170 23.22 -14.15 -26.71
C GLU B 170 22.66 -13.74 -25.37
N VAL B 171 23.33 -14.18 -24.32
CA VAL B 171 22.83 -14.04 -22.98
C VAL B 171 23.65 -12.95 -22.31
N ILE B 172 22.99 -12.02 -21.62
CA ILE B 172 23.71 -10.93 -20.95
C ILE B 172 23.09 -10.84 -19.58
N SER B 173 23.92 -11.06 -18.57
CA SER B 173 23.52 -10.97 -17.18
C SER B 173 24.04 -9.70 -16.56
N LEU B 174 23.14 -8.91 -15.98
CA LEU B 174 23.54 -7.64 -15.43
C LEU B 174 23.14 -7.56 -13.99
N PRO B 175 23.98 -6.94 -13.12
CA PRO B 175 23.59 -6.86 -11.73
C PRO B 175 22.31 -6.07 -11.50
N LYS B 176 21.37 -6.62 -10.72
CA LYS B 176 20.11 -5.98 -10.38
C LYS B 176 20.24 -4.58 -9.74
N ASN B 177 21.11 -4.46 -8.74
CA ASN B 177 21.30 -3.19 -8.01
C ASN B 177 21.93 -2.06 -8.85
N ASP B 178 22.41 -2.35 -10.06
CA ASP B 178 22.96 -1.32 -10.97
C ASP B 178 22.32 -1.35 -12.38
N LEU B 179 21.13 -1.96 -12.51
CA LEU B 179 20.65 -2.33 -13.85
C LEU B 179 20.51 -1.16 -14.82
N LEU B 180 19.90 -0.08 -14.38
CA LEU B 180 19.64 1.04 -15.26
C LEU B 180 20.95 1.65 -15.84
N GLN B 181 21.92 1.87 -14.96
CA GLN B 181 23.26 2.40 -15.39
C GLN B 181 23.95 1.42 -16.34
N ARG B 182 23.84 0.11 -16.07
CA ARG B 182 24.41 -0.87 -17.00
C ARG B 182 23.74 -0.91 -18.40
N LEU B 183 22.42 -0.78 -18.44
CA LEU B 183 21.71 -0.70 -19.71
C LEU B 183 22.04 0.57 -20.52
N ASP B 184 22.03 1.68 -19.83
CA ASP B 184 22.37 3.00 -20.44
C ASP B 184 23.73 2.90 -21.11
N ALA B 185 24.68 2.25 -20.42
CA ALA B 185 26.02 2.01 -20.98
C ALA B 185 26.01 1.15 -22.24
N LEU B 186 25.23 0.06 -22.25
CA LEU B 186 25.12 -0.77 -23.43
C LEU B 186 24.54 -0.06 -24.65
N VAL B 187 23.61 0.85 -24.42
CA VAL B 187 23.05 1.66 -25.49
C VAL B 187 24.08 2.63 -26.10
N ALA B 188 24.81 3.33 -25.24
CA ALA B 188 25.76 4.38 -25.67
C ALA B 188 26.92 3.76 -26.43
N GLU B 189 27.39 2.61 -25.96
CA GLU B 189 28.56 1.99 -26.54
C GLU B 189 28.29 0.92 -27.60
N GLU B 190 27.16 0.21 -27.54
CA GLU B 190 26.91 -0.92 -28.47
C GLU B 190 25.81 -0.66 -29.56
N HIS B 191 25.20 0.52 -29.55
CA HIS B 191 24.06 0.81 -30.44
C HIS B 191 23.03 -0.35 -30.50
N LEU B 192 22.60 -0.74 -29.31
CA LEU B 192 21.55 -1.73 -29.10
C LEU B 192 20.31 -0.96 -28.68
N THR B 193 19.13 -1.55 -28.88
CA THR B 193 17.90 -0.98 -28.37
C THR B 193 17.42 -1.84 -27.17
N VAL B 194 17.24 -1.20 -26.00
CA VAL B 194 16.73 -1.84 -24.82
C VAL B 194 15.20 -1.86 -24.93
N ASP B 195 14.61 -2.98 -24.55
CA ASP B 195 13.18 -3.17 -24.49
C ASP B 195 12.51 -2.32 -23.44
N ALA B 196 11.32 -1.83 -23.72
CA ALA B 196 10.67 -0.90 -22.80
C ALA B 196 10.28 -1.47 -21.45
N ARG B 197 9.88 -2.75 -21.42
N ARG B 197 9.88 -2.75 -21.42
N ARG B 197 9.89 -2.75 -21.42
CA ARG B 197 9.58 -3.43 -20.17
CA ARG B 197 9.58 -3.43 -20.17
CA ARG B 197 9.61 -3.41 -20.17
C ARG B 197 10.84 -3.60 -19.31
C ARG B 197 10.84 -3.60 -19.31
C ARG B 197 10.86 -3.53 -19.32
N VAL B 198 11.96 -3.96 -19.95
CA VAL B 198 13.28 -4.05 -19.27
C VAL B 198 13.68 -2.67 -18.70
N TYR B 199 13.53 -1.64 -19.52
CA TYR B 199 13.89 -0.27 -19.07
C TYR B 199 13.01 0.20 -17.93
N SER B 200 11.71 -0.10 -18.00
CA SER B 200 10.78 0.23 -16.96
C SER B 200 11.08 -0.42 -15.62
N TYR B 201 11.43 -1.70 -15.69
CA TYR B 201 11.86 -2.48 -14.52
C TYR B 201 13.10 -1.81 -13.88
N ALA B 202 14.06 -1.50 -14.73
CA ALA B 202 15.30 -0.87 -14.27
C ALA B 202 15.08 0.48 -13.61
N LEU B 203 14.19 1.32 -14.20
CA LEU B 203 13.86 2.59 -13.63
C LEU B 203 13.29 2.44 -12.24
N ALA B 204 12.32 1.56 -12.10
CA ALA B 204 11.69 1.34 -10.81
C ALA B 204 12.65 0.83 -9.76
N LEU B 205 13.63 0.04 -10.15
CA LEU B 205 14.66 -0.37 -9.16
C LEU B 205 15.36 0.86 -8.60
N LYS B 206 15.63 1.85 -9.45
CA LYS B 206 16.22 3.12 -8.97
C LYS B 206 15.23 3.95 -8.17
N HIS B 207 14.00 4.10 -8.65
CA HIS B 207 12.97 4.91 -8.04
C HIS B 207 12.42 4.37 -6.69
N ALA B 208 12.65 3.09 -6.41
CA ALA B 208 12.18 2.54 -5.12
C ALA B 208 12.79 3.25 -3.90
N ASN B 209 11.92 3.36 -2.91
CA ASN B 209 12.10 3.80 -1.50
C ASN B 209 11.90 5.32 -1.38
N GLN C 16 4.91 20.94 10.92
CA GLN C 16 5.60 20.78 12.23
C GLN C 16 6.56 19.60 12.16
N TYR C 17 7.64 19.64 12.95
CA TYR C 17 8.62 18.56 12.92
C TYR C 17 9.47 18.50 14.16
N ILE C 18 10.18 17.40 14.31
CA ILE C 18 11.04 17.17 15.47
C ILE C 18 12.41 17.81 15.22
N ILE C 19 12.89 18.54 16.22
CA ILE C 19 14.24 19.19 16.18
C ILE C 19 15.27 18.28 16.86
N SER C 20 14.93 17.72 18.02
CA SER C 20 15.84 16.85 18.78
C SER C 20 15.11 16.06 19.86
N GLU C 21 15.70 14.91 20.21
CA GLU C 21 15.19 13.98 21.22
C GLU C 21 16.35 13.75 22.20
N GLU C 22 16.20 14.31 23.41
CA GLU C 22 17.25 14.35 24.43
C GLU C 22 16.81 13.45 25.58
N LEU C 23 17.69 12.54 25.98
CA LEU C 23 17.34 11.47 26.90
C LEU C 23 17.35 11.95 28.35
N ILE C 24 16.23 11.82 29.07
CA ILE C 24 16.10 12.21 30.49
C ILE C 24 16.39 11.04 31.45
N SER C 25 15.83 9.86 31.18
CA SER C 25 16.11 8.64 31.97
C SER C 25 15.81 7.39 31.15
N GLU C 26 16.68 6.38 31.20
CA GLU C 26 16.44 5.13 30.49
C GLU C 26 16.47 3.99 31.46
N GLY C 27 15.42 3.16 31.46
CA GLY C 27 15.40 1.91 32.18
C GLY C 27 15.64 0.72 31.28
N LYS C 28 15.38 -0.49 31.81
CA LYS C 28 15.37 -1.73 31.00
C LYS C 28 14.21 -1.82 30.00
N TRP C 29 13.05 -1.26 30.36
CA TRP C 29 11.82 -1.41 29.55
C TRP C 29 11.31 -0.14 28.90
N VAL C 30 11.52 1.00 29.57
CA VAL C 30 10.94 2.27 29.14
C VAL C 30 11.93 3.41 29.34
N LYS C 31 11.82 4.45 28.51
CA LYS C 31 12.69 5.61 28.60
C LYS C 31 11.83 6.88 28.55
N LEU C 32 12.36 7.96 29.10
CA LEU C 32 11.68 9.24 29.10
C LEU C 32 12.60 10.21 28.34
N GLU C 33 12.02 11.05 27.48
CA GLU C 33 12.79 12.02 26.69
C GLU C 33 12.22 13.43 26.71
N LYS C 34 13.11 14.39 26.47
CA LYS C 34 12.75 15.79 26.27
C LYS C 34 12.73 15.93 24.77
N THR C 35 11.57 16.28 24.22
CA THR C 35 11.38 16.44 22.78
C THR C 35 11.32 17.93 22.45
N THR C 36 12.07 18.36 21.44
CA THR C 36 12.04 19.77 20.99
C THR C 36 11.48 19.76 19.58
N TYR C 37 10.47 20.59 19.32
CA TYR C 37 9.76 20.57 18.02
C TYR C 37 9.38 21.97 17.54
N MET C 38 9.23 22.10 16.23
CA MET C 38 8.81 23.37 15.59
C MET C 38 7.30 23.37 15.46
N ASP C 39 6.65 24.40 16.02
CA ASP C 39 5.19 24.52 15.94
C ASP C 39 4.78 25.10 14.61
N PRO C 40 3.45 25.19 14.34
CA PRO C 40 3.07 25.63 12.98
C PRO C 40 3.33 27.14 12.66
N THR C 41 3.36 28.00 13.68
CA THR C 41 3.73 29.42 13.50
C THR C 41 5.24 29.64 13.29
N GLY C 42 6.08 28.67 13.67
CA GLY C 42 7.54 28.81 13.64
C GLY C 42 8.20 28.96 15.02
N LYS C 43 7.41 28.90 16.10
CA LYS C 43 7.93 28.94 17.47
C LYS C 43 8.40 27.55 17.92
N THR C 44 9.61 27.50 18.48
CA THR C 44 10.23 26.25 18.97
C THR C 44 9.57 25.92 20.33
N ARG C 45 9.13 24.66 20.53
CA ARG C 45 8.44 24.28 21.77
C ARG C 45 9.03 22.99 22.27
N THR C 46 8.61 22.56 23.47
CA THR C 46 9.14 21.34 24.04
C THR C 46 8.00 20.45 24.58
N TRP C 47 8.31 19.18 24.81
CA TRP C 47 7.34 18.15 25.20
C TRP C 47 8.07 17.03 25.91
N GLU C 48 7.42 16.37 26.87
CA GLU C 48 8.00 15.20 27.53
C GLU C 48 7.40 13.90 26.97
N SER C 49 8.26 13.07 26.38
CA SER C 49 7.84 11.89 25.61
C SER C 49 8.33 10.58 26.24
N VAL C 50 7.47 9.57 26.19
CA VAL C 50 7.78 8.23 26.67
C VAL C 50 7.97 7.31 25.47
N LYS C 51 8.98 6.44 25.54
CA LYS C 51 9.20 5.43 24.49
C LYS C 51 9.63 4.12 25.15
N ARG C 52 9.21 2.98 24.61
CA ARG C 52 9.76 1.70 25.10
C ARG C 52 11.16 1.48 24.51
N THR C 53 11.98 0.68 25.19
CA THR C 53 13.37 0.40 24.76
C THR C 53 13.48 -0.87 23.94
N THR C 54 12.36 -1.57 23.77
CA THR C 54 12.28 -2.89 23.16
C THR C 54 11.89 -2.96 21.65
N ARG C 55 11.72 -1.80 21.00
CA ARG C 55 11.19 -1.73 19.64
C ARG C 55 12.26 -1.85 18.57
N LYS C 56 11.85 -2.35 17.41
CA LYS C 56 12.71 -2.38 16.23
C LYS C 56 12.21 -1.38 15.19
N GLN C 58 10.52 -3.74 14.50
CA GLN C 58 9.20 -4.23 14.11
C GLN C 58 8.30 -3.09 13.64
N THR C 59 7.14 -3.47 13.10
CA THR C 59 6.10 -2.51 12.59
C THR C 59 5.43 -1.64 13.68
N ALA C 60 5.50 -2.15 14.90
CA ALA C 60 4.89 -1.59 16.05
C ALA C 60 5.51 -2.25 17.27
N ASP C 61 5.21 -1.69 18.44
CA ASP C 61 5.66 -2.30 19.66
C ASP C 61 4.99 -3.64 19.88
N GLY C 62 3.67 -3.67 19.70
CA GLY C 62 2.92 -4.89 20.10
C GLY C 62 1.73 -5.17 19.26
N VAL C 63 1.00 -6.19 19.67
CA VAL C 63 -0.27 -6.53 19.07
C VAL C 63 -1.33 -6.61 20.18
N ALA C 64 -2.56 -6.25 19.83
CA ALA C 64 -3.74 -6.54 20.62
C ALA C 64 -4.65 -7.39 19.73
N VAL C 65 -5.23 -8.45 20.29
CA VAL C 65 -5.99 -9.39 19.54
C VAL C 65 -7.45 -9.19 19.91
N ILE C 66 -8.32 -8.98 18.89
CA ILE C 66 -9.75 -9.00 19.08
C ILE C 66 -10.21 -10.46 18.76
N PRO C 67 -10.40 -11.32 19.81
CA PRO C 67 -10.67 -12.74 19.55
C PRO C 67 -12.17 -13.03 19.56
N VAL C 68 -12.71 -13.37 18.39
CA VAL C 68 -14.14 -13.54 18.22
C VAL C 68 -14.38 -15.05 18.27
N LEU C 69 -14.95 -15.48 19.39
CA LEU C 69 -15.35 -16.89 19.60
C LEU C 69 -16.64 -17.19 18.87
N GLN C 70 -16.54 -18.06 17.87
CA GLN C 70 -17.64 -18.39 16.95
C GLN C 70 -18.09 -19.82 17.18
N ARG C 71 -19.39 -20.01 17.35
CA ARG C 71 -19.95 -21.35 17.65
C ARG C 71 -21.29 -21.49 16.97
N THR C 72 -21.56 -22.68 16.45
CA THR C 72 -22.78 -22.95 15.67
C THR C 72 -24.05 -22.50 16.36
N LEU C 73 -24.14 -22.79 17.66
CA LEU C 73 -25.38 -22.65 18.42
C LEU C 73 -25.58 -21.34 19.12
N HIS C 74 -24.55 -20.46 19.08
CA HIS C 74 -24.52 -19.29 19.93
C HIS C 74 -24.15 -18.03 19.17
N TYR C 75 -24.55 -16.93 19.77
CA TYR C 75 -24.04 -15.64 19.40
C TYR C 75 -22.55 -15.58 19.71
N GLU C 76 -21.85 -14.72 18.97
CA GLU C 76 -20.42 -14.57 19.17
C GLU C 76 -20.09 -14.02 20.55
N CYS C 77 -18.92 -14.43 21.05
CA CYS C 77 -18.31 -13.86 22.24
C CYS C 77 -17.01 -13.20 21.87
N ILE C 78 -16.66 -12.18 22.65
CA ILE C 78 -15.34 -11.57 22.61
C ILE C 78 -14.54 -12.10 23.79
N VAL C 79 -13.34 -12.60 23.53
CA VAL C 79 -12.50 -13.24 24.58
C VAL C 79 -11.56 -12.19 25.13
N LEU C 80 -11.63 -11.94 26.46
CA LEU C 80 -10.82 -10.89 27.08
C LEU C 80 -10.03 -11.56 28.18
N VAL C 81 -9.01 -10.86 28.64
CA VAL C 81 -8.20 -11.32 29.76
C VAL C 81 -8.20 -10.33 30.89
N LYS C 82 -8.15 -10.87 32.10
CA LYS C 82 -7.99 -10.07 33.30
C LYS C 82 -6.66 -10.42 33.95
N GLN C 83 -5.92 -9.37 34.24
CA GLN C 83 -4.63 -9.47 34.88
C GLN C 83 -4.27 -8.29 35.77
N PHE C 84 -3.41 -8.54 36.76
CA PHE C 84 -2.91 -7.48 37.58
C PHE C 84 -1.89 -6.72 36.79
N ARG C 85 -2.00 -5.40 36.79
CA ARG C 85 -1.15 -4.49 36.04
C ARG C 85 -0.44 -3.57 36.98
N PRO C 86 0.90 -3.77 37.16
CA PRO C 86 1.56 -2.97 38.21
C PRO C 86 1.47 -1.46 38.05
N PRO C 87 1.50 -0.93 36.81
CA PRO C 87 1.38 0.50 36.69
C PRO C 87 0.04 1.05 37.20
N MET C 88 -1.01 0.26 37.07
CA MET C 88 -2.33 0.64 37.53
C MET C 88 -2.55 0.30 39.01
N GLY C 89 -1.73 -0.57 39.58
CA GLY C 89 -1.94 -1.04 40.96
C GLY C 89 -3.25 -1.80 41.17
N GLY C 90 -3.69 -2.51 40.15
CA GLY C 90 -4.94 -3.24 40.20
C GLY C 90 -5.18 -4.03 38.95
N TYR C 91 -6.34 -4.68 38.90
CA TYR C 91 -6.67 -5.59 37.83
C TYR C 91 -7.29 -4.83 36.67
N CYS C 92 -6.96 -5.28 35.45
CA CYS C 92 -7.56 -4.70 34.25
C CYS C 92 -8.12 -5.74 33.33
N ILE C 93 -9.14 -5.34 32.56
CA ILE C 93 -9.80 -6.20 31.60
C ILE C 93 -9.38 -5.66 30.20
N GLU C 94 -8.71 -6.52 29.44
CA GLU C 94 -8.09 -6.13 28.14
C GLU C 94 -8.26 -7.16 27.08
N PHE C 95 -8.01 -6.74 25.82
CA PHE C 95 -7.79 -7.70 24.78
C PHE C 95 -6.48 -8.46 25.07
N PRO C 96 -6.44 -9.76 24.74
CA PRO C 96 -5.13 -10.48 24.78
C PRO C 96 -4.12 -9.65 23.97
N ALA C 97 -2.94 -9.51 24.51
CA ALA C 97 -1.94 -8.66 23.92
C ALA C 97 -0.54 -8.97 24.34
N GLY C 98 0.43 -8.54 23.51
CA GLY C 98 1.83 -8.64 23.92
C GLY C 98 2.75 -8.04 22.88
N LEU C 99 4.03 -7.91 23.25
CA LEU C 99 5.04 -7.30 22.36
C LEU C 99 5.36 -8.26 21.21
N ILE C 100 5.68 -7.69 20.04
CA ILE C 100 6.07 -8.48 18.87
C ILE C 100 7.54 -8.91 19.02
N ASP C 101 7.81 -10.22 18.97
CA ASP C 101 9.19 -10.71 19.10
C ASP C 101 9.99 -10.27 17.89
N ASP C 102 11.30 -10.23 18.04
CA ASP C 102 12.18 -9.80 16.95
C ASP C 102 12.02 -10.75 15.77
N GLY C 103 11.78 -10.17 14.59
CA GLY C 103 11.61 -10.95 13.36
C GLY C 103 10.34 -11.77 13.28
N GLU C 104 9.40 -11.53 14.20
CA GLU C 104 8.07 -12.14 14.19
C GLU C 104 7.15 -11.18 13.46
N THR C 105 6.23 -11.72 12.68
CA THR C 105 5.18 -10.91 12.10
C THR C 105 4.04 -10.53 13.12
N PRO C 106 3.31 -9.42 12.88
CA PRO C 106 2.19 -9.11 13.79
C PRO C 106 1.17 -10.24 13.85
N GLU C 107 0.91 -10.88 12.70
CA GLU C 107 -0.08 -11.91 12.62
C GLU C 107 0.33 -13.12 13.50
N ALA C 108 1.60 -13.47 13.46
CA ALA C 108 2.10 -14.65 14.14
C ALA C 108 2.09 -14.32 15.65
N ALA C 109 2.54 -13.11 16.01
CA ALA C 109 2.45 -12.63 17.39
C ALA C 109 1.05 -12.68 17.96
N ALA C 110 0.07 -12.31 17.15
CA ALA C 110 -1.30 -12.34 17.58
C ALA C 110 -1.74 -13.75 17.92
N LEU C 111 -1.51 -14.71 17.02
CA LEU C 111 -1.92 -16.11 17.29
C LEU C 111 -1.13 -16.71 18.47
N ARG C 112 0.14 -16.34 18.58
CA ARG C 112 0.97 -16.81 19.69
C ARG C 112 0.48 -16.29 21.04
N GLU C 113 0.35 -14.96 21.14
CA GLU C 113 -0.14 -14.33 22.35
C GLU C 113 -1.54 -14.84 22.67
N LEU C 114 -2.39 -14.98 21.65
CA LEU C 114 -3.76 -15.46 21.92
C LEU C 114 -3.73 -16.86 22.58
N GLU C 115 -3.03 -17.78 21.91
CA GLU C 115 -2.86 -19.15 22.45
C GLU C 115 -2.26 -19.21 23.86
N GLU C 116 -1.20 -18.44 24.11
CA GLU C 116 -0.60 -18.35 25.44
C GLU C 116 -1.52 -17.83 26.54
N GLU C 117 -2.25 -16.76 26.22
CA GLU C 117 -2.98 -16.05 27.25
C GLU C 117 -4.36 -16.64 27.49
N THR C 118 -4.88 -17.34 26.51
CA THR C 118 -6.22 -17.91 26.58
C THR C 118 -6.34 -19.40 26.31
N GLY C 119 -5.34 -20.05 25.71
CA GLY C 119 -5.50 -21.40 25.18
C GLY C 119 -6.24 -21.63 23.88
N TYR C 120 -6.86 -20.58 23.33
CA TYR C 120 -7.55 -20.73 22.07
C TYR C 120 -6.63 -20.75 20.87
N LYS C 121 -6.93 -21.64 19.95
CA LYS C 121 -6.27 -21.64 18.67
C LYS C 121 -7.19 -20.96 17.65
N GLY C 122 -6.71 -19.85 17.11
CA GLY C 122 -7.51 -18.96 16.24
C GLY C 122 -6.98 -18.87 14.81
N ASP C 123 -7.69 -18.12 13.98
CA ASP C 123 -7.38 -17.93 12.56
C ASP C 123 -7.40 -16.41 12.32
N ILE C 124 -6.38 -15.88 11.64
CA ILE C 124 -6.35 -14.45 11.36
C ILE C 124 -7.53 -14.08 10.47
N ALA C 125 -8.24 -13.02 10.88
CA ALA C 125 -9.26 -12.41 10.02
C ALA C 125 -8.80 -11.13 9.35
N GLU C 126 -8.16 -10.26 10.12
CA GLU C 126 -7.72 -8.93 9.63
C GLU C 126 -6.61 -8.40 10.54
N CYS C 127 -5.81 -7.49 10.01
CA CYS C 127 -4.79 -6.86 10.82
C CYS C 127 -4.71 -5.38 10.47
N SER C 128 -4.77 -4.53 11.47
CA SER C 128 -4.75 -3.09 11.29
C SER C 128 -3.36 -2.64 10.91
N PRO C 129 -3.28 -1.42 10.39
CA PRO C 129 -1.98 -0.77 10.39
C PRO C 129 -1.53 -0.44 11.83
N ALA C 130 -0.27 -0.02 11.98
CA ALA C 130 0.19 0.44 13.30
C ALA C 130 -0.61 1.66 13.77
N VAL C 131 -1.20 1.54 14.97
CA VAL C 131 -2.08 2.57 15.55
C VAL C 131 -1.48 2.96 16.91
N CYS C 132 -1.62 4.23 17.26
CA CYS C 132 -0.99 4.78 18.44
C CYS C 132 -1.87 4.53 19.70
N MET C 133 -1.18 4.30 20.79
CA MET C 133 -1.81 4.01 22.08
C MET C 133 -2.22 5.24 22.89
N ASP C 134 -1.35 6.24 22.92
CA ASP C 134 -1.56 7.38 23.79
C ASP C 134 -0.61 8.47 23.30
N PRO C 135 -0.96 9.07 22.13
CA PRO C 135 0.07 9.77 21.38
C PRO C 135 0.50 11.13 21.96
N GLY C 136 -0.29 11.72 22.85
CA GLY C 136 0.13 12.93 23.63
C GLY C 136 1.18 12.60 24.69
N LEU C 137 1.41 11.32 24.94
CA LEU C 137 2.35 10.86 25.98
C LEU C 137 3.48 10.02 25.44
N SER C 138 3.17 9.05 24.58
CA SER C 138 4.15 8.06 24.18
C SER C 138 4.12 7.82 22.69
N ASN C 139 5.20 7.20 22.18
CA ASN C 139 5.25 6.80 20.76
C ASN C 139 4.69 5.39 20.55
N CYS C 140 4.13 4.78 21.61
CA CYS C 140 3.80 3.36 21.57
C CYS C 140 2.72 3.03 20.55
N THR C 141 2.94 1.96 19.81
CA THR C 141 2.02 1.53 18.74
C THR C 141 1.74 0.03 18.81
N ILE C 142 0.60 -0.33 18.26
CA ILE C 142 0.24 -1.75 18.15
C ILE C 142 -0.36 -2.02 16.81
N HIS C 143 -0.42 -3.30 16.41
CA HIS C 143 -1.40 -3.69 15.40
C HIS C 143 -2.58 -4.32 16.16
N ILE C 144 -3.79 -3.96 15.77
CA ILE C 144 -5.04 -4.59 16.25
C ILE C 144 -5.37 -5.68 15.24
N VAL C 145 -5.29 -6.94 15.72
CA VAL C 145 -5.49 -8.09 14.88
C VAL C 145 -6.78 -8.79 15.29
N THR C 146 -7.72 -8.88 14.36
CA THR C 146 -8.97 -9.59 14.56
C THR C 146 -8.69 -11.05 14.27
N VAL C 147 -9.07 -11.92 15.21
CA VAL C 147 -8.79 -13.36 15.10
C VAL C 147 -10.11 -14.08 15.38
N THR C 148 -10.49 -15.00 14.51
CA THR C 148 -11.72 -15.81 14.74
C THR C 148 -11.28 -17.11 15.42
N ILE C 149 -12.08 -17.59 16.37
CA ILE C 149 -11.82 -18.86 17.02
C ILE C 149 -12.99 -19.77 16.74
N ASN C 150 -12.76 -20.93 16.10
CA ASN C 150 -13.78 -21.94 15.93
C ASN C 150 -14.01 -22.65 17.29
N GLY C 151 -15.04 -22.23 17.99
CA GLY C 151 -15.37 -22.76 19.33
C GLY C 151 -15.96 -24.15 19.34
N ASP C 152 -16.30 -24.68 18.17
CA ASP C 152 -16.86 -26.01 17.99
C ASP C 152 -15.83 -27.02 17.58
N ASP C 153 -14.62 -26.56 17.30
CA ASP C 153 -13.56 -27.49 16.92
C ASP C 153 -13.14 -28.19 18.18
N ALA C 154 -13.04 -29.50 18.07
CA ALA C 154 -12.62 -30.32 19.16
C ALA C 154 -11.32 -29.77 19.78
N GLU C 155 -10.39 -29.30 18.94
CA GLU C 155 -9.15 -28.71 19.48
C GLU C 155 -9.32 -27.48 20.41
N ASN C 156 -10.47 -26.79 20.31
CA ASN C 156 -10.77 -25.68 21.20
C ASN C 156 -11.71 -26.04 22.37
N ALA C 157 -11.96 -27.33 22.57
CA ALA C 157 -12.89 -27.81 23.63
C ALA C 157 -12.51 -27.43 25.07
N ARG C 158 -11.25 -27.56 25.42
CA ARG C 158 -10.83 -27.30 26.80
C ARG C 158 -9.62 -26.39 26.73
N PRO C 159 -9.81 -25.14 26.28
CA PRO C 159 -8.62 -24.27 26.17
C PRO C 159 -7.88 -24.08 27.50
N LYS C 160 -6.56 -24.17 27.45
CA LYS C 160 -5.72 -23.98 28.62
C LYS C 160 -4.67 -22.96 28.31
N PRO C 161 -4.76 -21.77 28.97
CA PRO C 161 -3.68 -20.79 28.83
C PRO C 161 -2.38 -21.40 29.26
N LYS C 162 -1.29 -21.03 28.58
CA LYS C 162 0.06 -21.46 28.97
C LYS C 162 0.81 -20.17 29.10
N PRO C 163 0.64 -19.48 30.24
CA PRO C 163 1.28 -18.18 30.37
C PRO C 163 2.76 -18.31 30.69
N GLY C 164 3.52 -17.29 30.33
CA GLY C 164 4.94 -17.23 30.67
C GLY C 164 5.16 -17.13 32.17
N ASP C 165 6.40 -17.36 32.59
CA ASP C 165 6.81 -17.15 33.99
C ASP C 165 6.47 -15.70 34.38
N GLY C 166 5.74 -15.51 35.48
CA GLY C 166 5.26 -14.18 35.86
C GLY C 166 4.00 -13.65 35.16
N GLU C 167 3.52 -14.31 34.11
CA GLU C 167 2.23 -13.97 33.50
C GLU C 167 1.14 -14.71 34.27
N PHE C 168 0.17 -13.97 34.78
CA PHE C 168 -0.96 -14.57 35.48
C PHE C 168 -2.24 -14.01 34.89
N VAL C 169 -2.99 -14.83 34.18
CA VAL C 169 -4.09 -14.34 33.35
C VAL C 169 -5.33 -15.15 33.58
N GLU C 170 -6.47 -14.48 33.72
CA GLU C 170 -7.78 -15.12 33.80
C GLU C 170 -8.53 -14.74 32.55
N VAL C 171 -9.25 -15.68 31.99
CA VAL C 171 -9.93 -15.50 30.73
C VAL C 171 -11.40 -15.21 31.02
N ILE C 172 -11.91 -14.18 30.37
CA ILE C 172 -13.34 -13.86 30.44
C ILE C 172 -13.89 -13.76 29.01
N SER C 173 -14.93 -14.51 28.68
CA SER C 173 -15.59 -14.42 27.36
C SER C 173 -16.97 -13.78 27.53
N LEU C 174 -17.20 -12.67 26.83
CA LEU C 174 -18.48 -11.95 26.94
C LEU C 174 -19.18 -11.87 25.60
N PRO C 175 -20.53 -11.96 25.58
CA PRO C 175 -21.22 -11.93 24.29
C PRO C 175 -21.01 -10.59 23.58
N LYS C 176 -20.67 -10.66 22.29
CA LYS C 176 -20.47 -9.48 21.49
C LYS C 176 -21.74 -8.58 21.48
N ASN C 177 -22.92 -9.20 21.45
CA ASN C 177 -24.17 -8.44 21.37
C ASN C 177 -24.64 -7.81 22.71
N ASP C 178 -23.89 -7.96 23.78
CA ASP C 178 -24.21 -7.26 25.03
C ASP C 178 -22.92 -6.81 25.74
N LEU C 179 -21.86 -6.50 24.95
CA LEU C 179 -20.53 -6.35 25.52
C LEU C 179 -20.44 -5.27 26.57
N LEU C 180 -20.95 -4.07 26.25
CA LEU C 180 -20.83 -2.91 27.09
C LEU C 180 -21.53 -3.13 28.44
N GLN C 181 -22.78 -3.59 28.41
CA GLN C 181 -23.52 -3.92 29.64
C GLN C 181 -22.78 -4.94 30.47
N ARG C 182 -22.25 -5.95 29.82
CA ARG C 182 -21.50 -6.96 30.56
C ARG C 182 -20.22 -6.43 31.15
N LEU C 183 -19.52 -5.53 30.45
CA LEU C 183 -18.37 -4.87 31.02
C LEU C 183 -18.74 -3.99 32.23
N ASP C 184 -19.76 -3.17 32.05
CA ASP C 184 -20.33 -2.35 33.11
C ASP C 184 -20.66 -3.20 34.35
N ALA C 185 -21.22 -4.38 34.14
CA ALA C 185 -21.60 -5.23 35.27
C ALA C 185 -20.37 -5.80 36.00
N LEU C 186 -19.31 -6.16 35.27
CA LEU C 186 -18.05 -6.57 35.92
C LEU C 186 -17.42 -5.47 36.74
N VAL C 187 -17.47 -4.26 36.21
CA VAL C 187 -16.95 -3.04 36.85
C VAL C 187 -17.69 -2.74 38.17
N ALA C 188 -18.99 -3.00 38.20
CA ALA C 188 -19.82 -2.79 39.41
C ALA C 188 -19.52 -3.82 40.50
N GLU C 189 -19.32 -5.08 40.10
CA GLU C 189 -19.08 -6.13 41.08
C GLU C 189 -17.66 -6.15 41.72
N GLU C 190 -16.64 -5.55 41.08
CA GLU C 190 -15.25 -5.65 41.57
C GLU C 190 -14.45 -4.40 41.27
N HIS C 191 -13.29 -4.27 41.91
CA HIS C 191 -12.34 -3.18 41.60
C HIS C 191 -11.57 -3.62 40.36
N LEU C 192 -12.05 -3.21 39.20
CA LEU C 192 -11.32 -3.48 37.97
C LEU C 192 -11.52 -2.38 36.96
N THR C 193 -10.49 -2.19 36.11
CA THR C 193 -10.49 -1.12 35.12
C THR C 193 -10.58 -1.77 33.75
N VAL C 194 -11.47 -1.26 32.90
CA VAL C 194 -11.56 -1.73 31.52
C VAL C 194 -10.58 -0.93 30.67
N ASP C 195 -9.87 -1.63 29.76
CA ASP C 195 -9.01 -0.99 28.81
C ASP C 195 -9.78 -0.02 27.85
N ALA C 196 -9.15 1.09 27.51
CA ALA C 196 -9.80 2.10 26.63
C ALA C 196 -10.12 1.57 25.21
N ARG C 197 -9.31 0.66 24.67
CA ARG C 197 -9.65 0.08 23.37
C ARG C 197 -10.82 -0.89 23.44
N VAL C 198 -10.86 -1.71 24.50
CA VAL C 198 -11.96 -2.61 24.74
C VAL C 198 -13.26 -1.78 24.88
N TYR C 199 -13.22 -0.73 25.66
CA TYR C 199 -14.40 0.07 25.90
C TYR C 199 -14.88 0.78 24.62
N SER C 200 -13.96 1.34 23.86
CA SER C 200 -14.29 1.97 22.56
C SER C 200 -14.94 0.97 21.63
N TYR C 201 -14.39 -0.25 21.59
CA TYR C 201 -14.94 -1.31 20.79
C TYR C 201 -16.38 -1.61 21.25
N ALA C 202 -16.59 -1.74 22.55
CA ALA C 202 -17.90 -2.05 23.10
C ALA C 202 -18.95 -0.94 22.82
N LEU C 203 -18.50 0.30 22.90
CA LEU C 203 -19.35 1.46 22.64
C LEU C 203 -19.81 1.42 21.17
N ALA C 204 -18.88 1.21 20.24
CA ALA C 204 -19.28 1.12 18.83
C ALA C 204 -20.25 -0.06 18.53
N LEU C 205 -20.05 -1.21 19.18
CA LEU C 205 -20.98 -2.32 18.97
C LEU C 205 -22.41 -1.82 19.35
N LYS C 206 -22.50 -1.15 20.49
CA LYS C 206 -23.76 -0.56 20.97
C LYS C 206 -24.32 0.47 19.97
N HIS C 207 -23.46 1.35 19.47
CA HIS C 207 -23.91 2.45 18.57
C HIS C 207 -24.20 2.06 17.12
N ALA C 208 -23.66 0.93 16.66
CA ALA C 208 -24.04 0.39 15.38
C ALA C 208 -25.56 0.19 15.48
N LYS D 15 -5.35 -10.54 46.07
CA LYS D 15 -4.49 -11.67 45.59
C LYS D 15 -3.08 -11.18 45.23
N GLN D 16 -2.95 -10.27 44.27
CA GLN D 16 -1.69 -9.55 44.01
C GLN D 16 -1.75 -8.14 44.57
N TYR D 17 -0.60 -7.51 44.86
CA TYR D 17 -0.60 -6.14 45.46
C TYR D 17 0.68 -5.38 45.23
N ILE D 18 0.59 -4.04 45.30
CA ILE D 18 1.74 -3.13 45.24
C ILE D 18 2.40 -3.15 46.64
N ILE D 19 3.71 -3.35 46.66
CA ILE D 19 4.53 -3.31 47.89
C ILE D 19 5.19 -1.93 48.01
N SER D 20 5.72 -1.41 46.91
CA SER D 20 6.36 -0.09 46.92
C SER D 20 6.52 0.53 45.55
N GLU D 21 6.66 1.86 45.54
CA GLU D 21 6.74 2.68 44.33
C GLU D 21 7.87 3.67 44.49
N GLU D 22 9.00 3.37 43.86
CA GLU D 22 10.20 4.19 43.93
C GLU D 22 10.24 5.19 42.77
N LEU D 23 10.29 6.48 43.08
CA LEU D 23 10.38 7.52 42.07
C LEU D 23 11.73 7.40 41.42
N ILE D 24 11.74 7.25 40.09
CA ILE D 24 13.00 7.17 39.33
C ILE D 24 13.38 8.51 38.71
N SER D 25 12.44 9.16 38.03
CA SER D 25 12.73 10.43 37.41
C SER D 25 11.39 11.12 37.18
N GLU D 26 11.35 12.42 37.46
CA GLU D 26 10.11 13.21 37.46
C GLU D 26 10.31 14.50 36.69
N GLY D 27 9.65 14.65 35.53
CA GLY D 27 9.61 15.93 34.81
C GLY D 27 8.41 16.79 35.22
N LYS D 28 8.09 17.77 34.39
CA LYS D 28 6.96 18.67 34.63
C LYS D 28 5.60 17.97 34.46
N TRP D 29 5.50 17.12 33.46
CA TRP D 29 4.25 16.43 33.07
C TRP D 29 4.22 14.92 33.33
N VAL D 30 5.39 14.29 33.37
CA VAL D 30 5.51 12.82 33.30
C VAL D 30 6.59 12.35 34.26
N LYS D 31 6.32 11.26 34.96
CA LYS D 31 7.31 10.64 35.85
C LYS D 31 7.40 9.14 35.63
N LEU D 32 8.57 8.59 35.94
CA LEU D 32 8.86 7.19 35.79
C LEU D 32 9.09 6.62 37.19
N GLU D 33 8.59 5.41 37.45
CA GLU D 33 8.71 4.74 38.75
C GLU D 33 9.13 3.29 38.59
N LYS D 34 9.87 2.79 39.58
CA LYS D 34 10.07 1.36 39.73
C LYS D 34 9.01 0.88 40.72
N THR D 35 8.23 -0.11 40.30
CA THR D 35 7.14 -0.62 41.07
C THR D 35 7.51 -1.99 41.60
N THR D 36 7.42 -2.19 42.91
CA THR D 36 7.54 -3.55 43.43
C THR D 36 6.19 -4.11 43.80
N TYR D 37 5.94 -5.35 43.41
CA TYR D 37 4.66 -6.00 43.71
C TYR D 37 4.84 -7.49 43.98
N MET D 38 3.79 -8.12 44.48
CA MET D 38 3.77 -9.53 44.82
C MET D 38 2.86 -10.28 43.88
N ASP D 39 3.38 -11.30 43.19
CA ASP D 39 2.58 -12.15 42.31
C ASP D 39 1.68 -13.11 43.12
N PRO D 40 0.79 -13.86 42.45
CA PRO D 40 -0.13 -14.68 43.27
C PRO D 40 0.60 -15.77 44.08
N THR D 41 1.64 -16.38 43.49
CA THR D 41 2.41 -17.47 44.13
C THR D 41 3.10 -17.05 45.42
N GLY D 42 3.45 -15.77 45.52
CA GLY D 42 4.15 -15.22 46.69
C GLY D 42 5.52 -14.65 46.38
N LYS D 43 5.96 -14.70 45.13
CA LYS D 43 7.24 -14.08 44.73
C LYS D 43 7.13 -12.57 44.47
N THR D 44 8.12 -11.84 44.97
CA THR D 44 8.25 -10.39 44.79
C THR D 44 8.88 -10.11 43.41
N ARG D 45 8.29 -9.19 42.64
CA ARG D 45 8.79 -8.79 41.30
C ARG D 45 8.80 -7.27 41.12
N THR D 46 9.45 -6.78 40.07
CA THR D 46 9.40 -5.32 39.77
C THR D 46 8.87 -4.99 38.37
N TRP D 47 8.65 -3.71 38.12
CA TRP D 47 8.01 -3.22 36.88
C TRP D 47 8.34 -1.75 36.73
N GLU D 48 8.38 -1.26 35.50
CA GLU D 48 8.72 0.12 35.27
C GLU D 48 7.44 0.77 34.79
N SER D 49 7.02 1.81 35.49
CA SER D 49 5.68 2.42 35.37
C SER D 49 5.76 3.94 35.13
N VAL D 50 4.97 4.39 34.17
CA VAL D 50 4.83 5.78 33.81
C VAL D 50 3.55 6.33 34.44
N LYS D 51 3.63 7.52 35.02
CA LYS D 51 2.46 8.24 35.49
C LYS D 51 2.61 9.68 35.12
N ARG D 52 1.49 10.38 34.97
CA ARG D 52 1.51 11.84 34.80
C ARG D 52 1.62 12.50 36.17
N THR D 53 1.88 13.80 36.18
CA THR D 53 2.06 14.55 37.43
C THR D 53 0.84 15.41 37.81
N THR D 54 -0.38 14.91 37.53
CA THR D 54 -1.64 15.43 38.10
C THR D 54 -2.63 14.31 38.42
N ALA D 60 -9.87 10.63 36.87
CA ALA D 60 -9.07 10.24 35.71
C ALA D 60 -8.15 11.37 35.24
N ASP D 61 -7.17 11.08 34.37
CA ASP D 61 -6.31 12.12 33.83
C ASP D 61 -7.06 13.01 32.83
N GLY D 62 -7.76 12.36 31.91
CA GLY D 62 -8.41 13.04 30.76
C GLY D 62 -9.79 12.55 30.37
N VAL D 63 -10.29 13.17 29.28
CA VAL D 63 -11.48 12.71 28.60
C VAL D 63 -11.10 12.57 27.13
N ALA D 64 -11.82 11.67 26.49
CA ALA D 64 -11.85 11.59 25.03
C ALA D 64 -13.29 11.59 24.65
N VAL D 65 -13.61 12.32 23.58
CA VAL D 65 -14.98 12.53 23.19
C VAL D 65 -15.23 11.80 21.88
N ILE D 66 -16.29 10.99 21.86
CA ILE D 66 -16.78 10.39 20.63
C ILE D 66 -17.97 11.29 20.14
N PRO D 67 -17.71 12.21 19.21
CA PRO D 67 -18.74 13.23 18.85
C PRO D 67 -19.49 12.77 17.56
N VAL D 68 -20.78 12.50 17.69
CA VAL D 68 -21.61 12.01 16.62
C VAL D 68 -22.46 13.20 16.13
N LEU D 69 -22.16 13.65 14.93
CA LEU D 69 -22.81 14.84 14.30
C LEU D 69 -24.06 14.34 13.58
N GLN D 70 -25.24 14.79 14.03
CA GLN D 70 -26.52 14.29 13.55
C GLN D 70 -27.32 15.41 12.89
N ARG D 71 -27.85 15.14 11.69
CA ARG D 71 -28.69 16.08 10.95
C ARG D 71 -29.85 15.24 10.40
N THR D 72 -31.07 15.73 10.48
CA THR D 72 -32.21 14.95 9.95
C THR D 72 -32.00 14.75 8.43
N LEU D 73 -32.50 13.63 7.91
CA LEU D 73 -32.40 13.25 6.49
C LEU D 73 -30.96 13.08 5.98
N HIS D 74 -30.01 12.80 6.88
CA HIS D 74 -28.63 12.63 6.48
C HIS D 74 -27.91 11.62 7.38
N TYR D 75 -26.81 11.06 6.88
CA TYR D 75 -26.01 10.10 7.65
C TYR D 75 -25.32 10.80 8.81
N GLU D 76 -24.98 10.03 9.84
CA GLU D 76 -24.21 10.54 10.98
C GLU D 76 -22.74 10.58 10.61
N CYS D 77 -22.00 11.49 11.23
CA CYS D 77 -20.55 11.63 11.04
C CYS D 77 -19.90 11.58 12.41
N ILE D 78 -18.66 11.11 12.43
CA ILE D 78 -17.87 11.04 13.66
C ILE D 78 -16.82 12.12 13.45
N VAL D 79 -16.76 13.06 14.39
CA VAL D 79 -15.88 14.19 14.29
C VAL D 79 -14.56 13.87 14.96
N LEU D 80 -13.50 13.87 14.19
CA LEU D 80 -12.18 13.52 14.70
C LEU D 80 -11.34 14.74 14.59
N VAL D 81 -10.14 14.66 15.14
CA VAL D 81 -9.18 15.76 15.05
C VAL D 81 -7.81 15.26 14.65
N LYS D 82 -7.08 16.10 13.92
CA LYS D 82 -5.72 15.79 13.48
C LYS D 82 -4.77 16.83 14.05
N GLN D 83 -3.66 16.38 14.60
CA GLN D 83 -2.65 17.28 15.18
C GLN D 83 -1.30 16.62 15.22
N PHE D 84 -0.26 17.46 15.29
CA PHE D 84 1.09 16.98 15.48
C PHE D 84 1.28 16.50 16.93
N ARG D 85 1.76 15.27 17.09
CA ARG D 85 2.06 14.70 18.41
C ARG D 85 3.56 14.48 18.58
N PRO D 86 4.22 15.35 19.37
CA PRO D 86 5.67 15.23 19.56
C PRO D 86 6.19 13.86 19.96
N PRO D 87 5.49 13.16 20.89
CA PRO D 87 5.96 11.84 21.19
C PRO D 87 5.94 10.90 19.96
N MET D 88 4.98 11.09 19.06
CA MET D 88 4.90 10.24 17.85
C MET D 88 5.81 10.71 16.70
N GLY D 89 6.37 11.90 16.83
CA GLY D 89 7.08 12.49 15.72
C GLY D 89 6.23 12.75 14.48
N GLY D 90 4.91 12.93 14.62
CA GLY D 90 4.09 13.07 13.44
C GLY D 90 2.66 13.33 13.78
N TYR D 91 1.84 13.39 12.75
CA TYR D 91 0.46 13.79 12.88
C TYR D 91 -0.39 12.54 13.19
N CYS D 92 -1.38 12.71 14.07
CA CYS D 92 -2.20 11.64 14.52
C CYS D 92 -3.64 12.05 14.39
N ILE D 93 -4.49 11.08 14.11
CA ILE D 93 -5.91 11.30 13.95
C ILE D 93 -6.56 10.66 15.18
N GLU D 94 -7.28 11.47 15.95
CA GLU D 94 -7.75 11.07 17.28
C GLU D 94 -9.14 11.55 17.53
N PHE D 95 -9.82 10.95 18.50
CA PHE D 95 -10.99 11.56 19.08
C PHE D 95 -10.57 12.86 19.75
N PRO D 96 -11.42 13.90 19.70
CA PRO D 96 -11.04 15.09 20.51
C PRO D 96 -10.90 14.71 21.98
N ALA D 97 -9.96 15.37 22.64
CA ALA D 97 -9.55 14.94 23.98
C ALA D 97 -8.77 16.00 24.66
N GLY D 98 -8.80 15.98 25.99
CA GLY D 98 -7.92 16.86 26.78
C GLY D 98 -7.89 16.41 28.22
N LEU D 99 -6.91 16.93 28.98
CA LEU D 99 -6.92 16.68 30.44
C LEU D 99 -8.07 17.37 31.14
N ILE D 100 -8.49 16.77 32.24
CA ILE D 100 -9.58 17.34 33.04
C ILE D 100 -8.97 18.42 33.94
N ASP D 101 -9.60 19.60 33.96
CA ASP D 101 -9.14 20.75 34.78
C ASP D 101 -9.49 20.46 36.23
N ASP D 102 -8.70 20.97 37.17
CA ASP D 102 -9.04 20.82 38.63
C ASP D 102 -10.49 21.26 38.90
N GLY D 103 -11.27 20.43 39.58
CA GLY D 103 -12.64 20.74 39.96
C GLY D 103 -13.72 20.27 38.98
N GLU D 104 -13.42 20.36 37.70
CA GLU D 104 -14.38 20.17 36.62
C GLU D 104 -14.75 18.69 36.47
N THR D 105 -16.00 18.42 36.14
CA THR D 105 -16.48 17.05 36.00
C THR D 105 -15.98 16.51 34.64
N PRO D 106 -15.90 15.18 34.47
CA PRO D 106 -15.61 14.66 33.11
C PRO D 106 -16.60 15.12 32.01
N GLU D 107 -17.90 15.18 32.31
CA GLU D 107 -18.91 15.61 31.31
C GLU D 107 -18.65 17.04 30.85
N ALA D 108 -18.25 17.93 31.78
CA ALA D 108 -18.03 19.33 31.43
C ALA D 108 -16.74 19.43 30.67
N ALA D 109 -15.72 18.66 31.07
CA ALA D 109 -14.45 18.70 30.35
C ALA D 109 -14.69 18.25 28.90
N ALA D 110 -15.59 17.28 28.75
CA ALA D 110 -15.87 16.72 27.42
C ALA D 110 -16.48 17.81 26.54
N LEU D 111 -17.56 18.44 27.01
CA LEU D 111 -18.16 19.53 26.18
C LEU D 111 -17.18 20.68 25.94
N ARG D 112 -16.35 21.00 26.92
CA ARG D 112 -15.39 22.09 26.75
C ARG D 112 -14.35 21.77 25.73
N GLU D 113 -13.71 20.61 25.87
CA GLU D 113 -12.67 20.18 24.93
C GLU D 113 -13.26 19.99 23.51
N LEU D 114 -14.46 19.48 23.41
CA LEU D 114 -15.08 19.31 22.07
C LEU D 114 -15.24 20.70 21.38
N GLU D 115 -15.77 21.67 22.12
CA GLU D 115 -15.94 23.02 21.57
C GLU D 115 -14.62 23.70 21.27
N GLU D 116 -13.65 23.60 22.18
CA GLU D 116 -12.28 24.13 21.92
C GLU D 116 -11.60 23.56 20.68
N GLU D 117 -11.70 22.24 20.50
CA GLU D 117 -10.94 21.60 19.42
C GLU D 117 -11.71 21.52 18.09
N THR D 118 -13.03 21.64 18.15
CA THR D 118 -13.86 21.49 16.95
C THR D 118 -14.82 22.64 16.65
N GLY D 119 -15.14 23.46 17.64
CA GLY D 119 -16.24 24.45 17.55
C GLY D 119 -17.62 23.94 17.92
N TYR D 120 -17.84 22.62 17.87
CA TYR D 120 -19.15 22.10 18.11
C TYR D 120 -19.63 22.17 19.57
N LYS D 121 -20.95 22.32 19.74
CA LYS D 121 -21.65 22.41 20.99
C LYS D 121 -22.50 21.16 21.09
N GLY D 122 -22.08 20.24 21.94
CA GLY D 122 -22.71 18.95 22.02
C GLY D 122 -23.57 18.77 23.20
N ASP D 123 -24.27 17.66 23.21
CA ASP D 123 -25.02 17.18 24.34
C ASP D 123 -24.45 15.83 24.80
N ILE D 124 -24.41 15.63 26.10
CA ILE D 124 -23.90 14.40 26.67
C ILE D 124 -24.88 13.25 26.41
N ALA D 125 -24.41 12.16 25.81
CA ALA D 125 -25.21 10.96 25.62
C ALA D 125 -24.90 9.95 26.73
N GLU D 126 -23.61 9.73 27.00
CA GLU D 126 -23.16 8.77 28.06
C GLU D 126 -21.71 9.04 28.43
N CYS D 127 -21.30 8.55 29.60
CA CYS D 127 -19.95 8.79 30.04
C CYS D 127 -19.42 7.52 30.67
N SER D 128 -18.24 7.08 30.23
CA SER D 128 -17.66 5.83 30.76
C SER D 128 -17.11 6.02 32.16
N PRO D 129 -16.86 4.91 32.86
CA PRO D 129 -15.96 5.01 34.00
C PRO D 129 -14.53 5.23 33.53
N ALA D 130 -13.61 5.41 34.46
CA ALA D 130 -12.24 5.63 34.08
C ALA D 130 -11.72 4.37 33.41
N VAL D 131 -11.11 4.54 32.24
CA VAL D 131 -10.60 3.40 31.46
C VAL D 131 -9.12 3.64 31.24
N CYS D 132 -8.33 2.56 31.18
CA CYS D 132 -6.89 2.67 31.09
C CYS D 132 -6.35 2.80 29.65
N MET D 133 -5.38 3.69 29.52
CA MET D 133 -4.76 4.00 28.22
C MET D 133 -3.75 2.97 27.73
N ASP D 134 -2.91 2.46 28.64
CA ASP D 134 -1.89 1.51 28.26
C ASP D 134 -1.38 0.87 29.55
N PRO D 135 -2.12 -0.12 30.07
CA PRO D 135 -1.99 -0.41 31.52
C PRO D 135 -0.75 -1.23 31.83
N GLY D 136 -0.14 -1.86 30.81
CA GLY D 136 1.17 -2.51 30.97
C GLY D 136 2.34 -1.51 31.06
N LEU D 137 2.04 -0.22 30.85
CA LEU D 137 3.06 0.84 30.80
C LEU D 137 2.83 2.00 31.75
N SER D 138 1.59 2.48 31.81
CA SER D 138 1.25 3.71 32.53
C SER D 138 0.02 3.51 33.38
N ASN D 139 -0.19 4.44 34.30
CA ASN D 139 -1.40 4.40 35.09
C ASN D 139 -2.46 5.28 34.46
N CYS D 140 -2.23 5.77 33.23
CA CYS D 140 -3.07 6.86 32.73
C CYS D 140 -4.46 6.31 32.40
N THR D 141 -5.46 7.14 32.70
CA THR D 141 -6.85 6.82 32.46
C THR D 141 -7.65 8.01 31.87
N ILE D 142 -8.74 7.66 31.23
CA ILE D 142 -9.66 8.67 30.72
C ILE D 142 -11.09 8.25 30.96
N HIS D 143 -11.98 9.23 30.81
CA HIS D 143 -13.38 8.91 30.62
C HIS D 143 -13.64 9.09 29.12
N ILE D 144 -14.23 8.08 28.51
CA ILE D 144 -14.70 8.19 27.10
C ILE D 144 -16.13 8.68 27.16
N VAL D 145 -16.38 9.85 26.55
CA VAL D 145 -17.66 10.52 26.70
C VAL D 145 -18.32 10.60 25.33
N THR D 146 -19.47 9.95 25.17
CA THR D 146 -20.20 9.93 23.88
C THR D 146 -21.04 11.22 23.87
N VAL D 147 -20.98 12.00 22.79
CA VAL D 147 -21.57 13.36 22.71
C VAL D 147 -22.29 13.47 21.37
N THR D 148 -23.59 13.78 21.39
CA THR D 148 -24.36 13.98 20.14
C THR D 148 -24.33 15.47 19.81
N ILE D 149 -24.17 15.81 18.53
CA ILE D 149 -24.05 17.20 18.07
C ILE D 149 -25.24 17.39 17.17
N ASN D 150 -26.16 18.27 17.55
CA ASN D 150 -27.33 18.61 16.72
C ASN D 150 -26.88 19.56 15.64
N GLY D 151 -26.53 18.99 14.49
CA GLY D 151 -26.08 19.78 13.37
C GLY D 151 -27.23 20.58 12.73
N ASP D 152 -28.49 20.33 13.12
CA ASP D 152 -29.65 21.20 12.69
C ASP D 152 -29.90 22.41 13.62
N ASP D 153 -28.96 22.71 14.52
CA ASP D 153 -29.01 23.94 15.33
C ASP D 153 -28.04 24.92 14.72
N ALA D 154 -28.45 26.21 14.73
CA ALA D 154 -27.64 27.27 14.13
C ALA D 154 -26.21 27.38 14.69
N GLU D 155 -26.06 27.17 16.00
CA GLU D 155 -24.75 27.21 16.65
C GLU D 155 -23.75 26.17 16.11
N ASN D 156 -24.30 25.08 15.55
CA ASN D 156 -23.49 24.02 14.91
C ASN D 156 -23.48 24.07 13.40
N ALA D 157 -23.94 25.17 12.79
CA ALA D 157 -23.96 25.28 11.34
C ALA D 157 -22.56 25.26 10.75
N ARG D 158 -21.71 26.14 11.25
CA ARG D 158 -20.33 26.25 10.74
C ARG D 158 -19.42 26.86 11.79
N PRO D 159 -19.33 26.25 12.99
CA PRO D 159 -18.40 26.71 14.02
C PRO D 159 -16.94 26.37 13.68
N LYS D 160 -16.01 27.10 14.29
CA LYS D 160 -14.55 26.87 14.13
C LYS D 160 -13.89 26.70 15.51
N PRO D 161 -12.78 25.93 15.57
CA PRO D 161 -12.17 25.68 16.88
C PRO D 161 -11.73 26.99 17.54
N LYS D 162 -11.73 27.06 18.88
CA LYS D 162 -11.02 28.12 19.63
C LYS D 162 -9.88 27.43 20.44
N PRO D 163 -8.72 27.19 19.81
CA PRO D 163 -7.63 26.49 20.49
C PRO D 163 -6.88 27.36 21.49
N GLY D 164 -6.23 26.69 22.46
CA GLY D 164 -5.34 27.36 23.40
C GLY D 164 -3.96 27.62 22.82
N ASP D 165 -3.07 28.16 23.64
CA ASP D 165 -1.70 28.45 23.24
C ASP D 165 -0.95 27.16 22.94
N GLY D 166 -0.22 27.14 21.83
CA GLY D 166 0.52 25.93 21.39
C GLY D 166 -0.29 24.69 21.02
N GLU D 167 -1.56 24.89 20.66
CA GLU D 167 -2.49 23.82 20.29
C GLU D 167 -2.95 24.12 18.86
N PHE D 168 -2.71 23.19 17.95
CA PHE D 168 -3.02 23.40 16.50
C PHE D 168 -3.78 22.17 15.98
N VAL D 169 -5.07 22.31 15.75
CA VAL D 169 -5.93 21.14 15.47
C VAL D 169 -6.72 21.33 14.16
N GLU D 170 -6.76 20.29 13.30
CA GLU D 170 -7.60 20.26 12.10
C GLU D 170 -8.74 19.30 12.39
N VAL D 171 -9.96 19.73 12.10
CA VAL D 171 -11.15 18.88 12.27
C VAL D 171 -11.27 18.01 11.01
N ILE D 172 -11.58 16.75 11.25
CA ILE D 172 -11.78 15.77 10.17
C ILE D 172 -13.05 15.04 10.54
N SER D 173 -14.10 15.36 9.81
CA SER D 173 -15.40 14.73 9.98
C SER D 173 -15.52 13.59 8.95
N LEU D 174 -15.81 12.36 9.42
CA LEU D 174 -15.86 11.18 8.55
C LEU D 174 -17.23 10.54 8.73
N PRO D 175 -17.82 10.05 7.63
CA PRO D 175 -19.06 9.34 7.74
C PRO D 175 -18.90 8.11 8.62
N LYS D 176 -19.77 7.99 9.59
CA LYS D 176 -19.79 6.87 10.48
C LYS D 176 -19.92 5.52 9.72
N ASN D 177 -20.76 5.54 8.68
CA ASN D 177 -21.08 4.34 7.93
C ASN D 177 -19.94 3.72 7.13
N ASP D 178 -18.86 4.46 6.93
CA ASP D 178 -17.74 3.94 6.21
C ASP D 178 -16.47 4.30 6.94
N LEU D 179 -16.53 4.40 8.26
CA LEU D 179 -15.43 4.95 9.00
C LEU D 179 -14.12 4.17 8.81
N LEU D 180 -14.21 2.86 8.88
CA LEU D 180 -13.02 2.05 8.83
C LEU D 180 -12.28 2.20 7.50
N GLN D 181 -13.05 2.16 6.39
CA GLN D 181 -12.46 2.28 5.06
C GLN D 181 -11.84 3.67 4.91
N ARG D 182 -12.50 4.69 5.46
CA ARG D 182 -11.96 6.05 5.34
C ARG D 182 -10.66 6.21 6.09
N LEU D 183 -10.60 5.65 7.28
CA LEU D 183 -9.39 5.65 8.05
C LEU D 183 -8.27 4.91 7.34
N ASP D 184 -8.58 3.73 6.80
CA ASP D 184 -7.56 2.95 6.06
C ASP D 184 -7.04 3.76 4.83
N ALA D 185 -7.95 4.48 4.15
CA ALA D 185 -7.62 5.29 2.95
C ALA D 185 -6.66 6.42 3.34
N LEU D 186 -6.96 7.08 4.47
CA LEU D 186 -6.03 8.11 4.99
C LEU D 186 -4.65 7.58 5.26
N VAL D 187 -4.57 6.43 5.90
CA VAL D 187 -3.29 5.80 6.27
C VAL D 187 -2.49 5.39 5.05
N ALA D 188 -3.19 4.98 3.99
CA ALA D 188 -2.55 4.51 2.79
C ALA D 188 -1.94 5.67 1.99
N GLU D 189 -2.49 6.85 2.20
CA GLU D 189 -2.07 8.00 1.40
C GLU D 189 -1.29 9.12 2.09
N GLU D 190 -1.48 9.27 3.40
CA GLU D 190 -0.91 10.39 4.14
C GLU D 190 0.00 9.95 5.27
N HIS D 191 0.93 10.85 5.59
CA HIS D 191 1.91 10.63 6.65
C HIS D 191 1.16 10.92 7.94
N LEU D 192 0.49 9.91 8.48
CA LEU D 192 -0.23 10.10 9.75
C LEU D 192 -0.45 8.75 10.39
N THR D 193 -0.77 8.77 11.68
CA THR D 193 -1.13 7.59 12.46
C THR D 193 -2.55 7.75 13.06
N VAL D 194 -3.38 6.70 12.94
CA VAL D 194 -4.71 6.70 13.50
C VAL D 194 -4.53 6.15 14.92
N ASP D 195 -5.31 6.69 15.80
CA ASP D 195 -5.33 6.27 17.20
C ASP D 195 -6.04 4.94 17.36
N ALA D 196 -5.51 4.13 18.28
CA ALA D 196 -6.06 2.83 18.55
C ALA D 196 -7.50 2.77 19.03
N ARG D 197 -7.93 3.77 19.79
N ARG D 197 -7.93 3.76 19.83
N ARG D 197 -7.93 3.77 19.79
CA ARG D 197 -9.30 3.85 20.25
CA ARG D 197 -9.33 3.90 20.27
CA ARG D 197 -9.30 3.85 20.25
C ARG D 197 -10.24 4.19 19.06
C ARG D 197 -10.21 4.16 19.04
C ARG D 197 -10.24 4.19 19.06
N VAL D 198 -9.78 5.08 18.18
CA VAL D 198 -10.53 5.41 16.94
C VAL D 198 -10.62 4.16 16.05
N TYR D 199 -9.52 3.44 15.91
CA TYR D 199 -9.50 2.25 15.05
C TYR D 199 -10.39 1.14 15.66
N SER D 200 -10.34 0.97 16.98
CA SER D 200 -11.18 -0.04 17.63
C SER D 200 -12.65 0.29 17.48
N TYR D 201 -13.04 1.56 17.65
CA TYR D 201 -14.43 2.02 17.39
C TYR D 201 -14.84 1.67 15.96
N ALA D 202 -14.01 2.05 14.98
CA ALA D 202 -14.30 1.82 13.58
C ALA D 202 -14.47 0.29 13.22
N LEU D 203 -13.60 -0.55 13.80
CA LEU D 203 -13.69 -1.99 13.65
C LEU D 203 -15.00 -2.54 14.15
N ALA D 204 -15.36 -2.14 15.36
CA ALA D 204 -16.61 -2.60 15.95
C ALA D 204 -17.88 -2.20 15.16
N LEU D 205 -17.87 -1.05 14.49
CA LEU D 205 -18.99 -0.70 13.60
C LEU D 205 -19.18 -1.72 12.47
N LYS D 206 -18.09 -2.32 12.02
CA LYS D 206 -18.14 -3.42 11.05
C LYS D 206 -18.50 -4.77 11.67
N HIS D 207 -17.97 -5.05 12.87
CA HIS D 207 -18.17 -6.35 13.51
C HIS D 207 -19.55 -6.54 14.09
N ALA D 208 -20.20 -5.44 14.45
CA ALA D 208 -21.52 -5.48 15.06
C ALA D 208 -22.50 -6.31 14.25
N ASN D 209 -23.36 -7.03 14.96
CA ASN D 209 -24.36 -7.93 14.38
C ASN D 209 -23.97 -9.40 14.55
MG MG E . -2.25 8.97 -25.04
MG MG F . -2.75 11.99 -25.72
CL CL G . 12.53 -11.77 -6.89
N1 K0M H . 8.41 -16.32 -39.15
N3 K0M H . 8.24 -17.89 -40.95
C4 K0M H . 8.66 -15.84 -37.86
C5 K0M H . 8.84 -17.53 -39.74
C6 K0M H . 9.69 -18.58 -39.28
C7 K0M H . 9.57 -19.60 -40.23
C8 K0M H . 8.21 -19.85 -42.40
N K0M H . 6.99 -12.71 -38.46
C K0M H . 5.79 -11.77 -36.51
O K0M H . 7.75 -13.75 -38.76
C1 K0M H . 6.64 -12.78 -37.16
C2 K0M H . 7.25 -13.98 -36.58
C3 K0M H . 7.92 -14.55 -37.64
N2 K0M H . 8.68 -19.13 -41.20
O1 K0M H . 9.37 -16.37 -37.04
C1 EDO I . 4.15 3.38 -30.13
O1 EDO I . 3.45 2.28 -30.72
C2 EDO I . 3.38 3.92 -28.94
O2 EDO I . 3.48 2.97 -27.86
C1 EDO J . 19.88 -19.23 -3.39
O1 EDO J . 19.25 -19.93 -4.47
C2 EDO J . 21.36 -19.68 -3.38
O2 EDO J . 21.95 -19.52 -4.69
MG MG K . 12.07 -15.33 -27.78
MG MG L . 11.70 -20.23 -28.76
C1 EDO M . -9.18 -24.63 13.74
O1 EDO M . -9.93 -24.36 14.96
C2 EDO M . -10.02 -24.43 12.47
O2 EDO M . -10.33 -23.03 12.23
MG MG N . 1.90 -10.42 27.07
MG MG O . -0.07 -9.78 27.50
N1 K0M P . 1.66 20.25 27.24
N3 K0M P . 1.98 22.55 26.41
C4 K0M P . 3.00 19.83 27.18
C5 K0M P . 1.17 21.55 26.91
C6 K0M P . -0.19 22.00 27.00
C7 K0M P . -0.18 23.31 26.53
C8 K0M P . 1.62 24.88 25.62
N K0M P . 4.62 16.71 27.80
C K0M P . 3.08 14.85 28.42
O K0M P . 4.54 18.00 27.50
C1 K0M P . 3.38 16.25 28.05
C2 K0M P . 2.44 17.34 27.90
C3 K0M P . 3.24 18.41 27.55
N2 K0M P . 1.13 23.60 26.17
O1 K0M P . 3.94 20.56 26.85
C1 EDO Q . 1.64 -2.02 24.14
O1 EDO Q . 0.28 -1.63 24.47
C2 EDO Q . 2.42 -0.77 23.75
O2 EDO Q . 2.79 -0.03 24.91
MG MG R . -6.53 17.73 23.04
MG MG S . -6.30 19.07 24.60
C1 EDO T . -4.53 10.99 28.12
O1 EDO T . -4.78 10.02 27.10
C2 EDO T . -3.91 10.31 29.33
O2 EDO T . -2.54 9.96 29.12
#